data_4GNV
#
_entry.id   4GNV
#
_cell.length_a   48.970
_cell.length_b   89.310
_cell.length_c   67.150
_cell.angle_alpha   90.000
_cell.angle_beta   91.730
_cell.angle_gamma   90.000
#
_symmetry.space_group_name_H-M   'P 1 21 1'
#
loop_
_entity.id
_entity.type
_entity.pdbx_description
1 polymer 'Beta-hexosaminidase 1'
2 non-polymer 2-acetamido-2-deoxy-beta-D-glucopyranose
3 non-polymer 'CHLORIDE ION'
4 water water
#
_entity_poly.entity_id   1
_entity_poly.type   'polypeptide(L)'
_entity_poly.pdbx_seq_one_letter_code
;MAHHHHHHMKTTPGPVMLDVVGTTLSRDDARRLAHPNTGGVILFARHFQNRAQLTALTDSIRAVREDILIAVDHEGGRVQ
RFRTDGFTVLPAMRRLGELWDRDVLLATKVATAVGYILAAELRACGIDMSFTPVLDLDYGHSKVIGDRAFHRDPRVVTLL
AKSLNHGLSLAGMANCGKHFPGHGFAEADSHVALPTDDRTLDAILEQDVAPYDWLGLSLAAVIPAHVIYTQVDKRPAGFS
RVWLQDILRGKLGFTGAIFSDDLSMEAAREGGTLTQAADAALAAGCDMVLVCNQPDAAEVVLNGLKARASAESVRRIKRM
RARGKALKWDKLIAQPEYLQAQALLSSALA
;
_entity_poly.pdbx_strand_id   A,B
#
# COMPACT_ATOMS: atom_id res chain seq x y z
N THR A 11 26.46 -1.84 -11.27
CA THR A 11 26.97 -1.74 -9.88
C THR A 11 25.85 -2.06 -8.89
N THR A 12 26.23 -2.54 -7.72
CA THR A 12 25.26 -2.94 -6.69
C THR A 12 25.47 -2.09 -5.45
N PRO A 13 24.42 -1.93 -4.64
CA PRO A 13 24.56 -1.04 -3.50
C PRO A 13 25.49 -1.59 -2.44
N GLY A 14 26.32 -0.70 -1.91
CA GLY A 14 27.14 -1.03 -0.74
C GLY A 14 26.42 -0.77 0.55
N PRO A 15 27.12 -1.00 1.66
CA PRO A 15 26.47 -0.93 2.96
C PRO A 15 26.40 0.46 3.60
N VAL A 16 27.04 1.48 3.05
CA VAL A 16 27.11 2.78 3.71
C VAL A 16 26.15 3.80 3.13
N MET A 17 25.34 4.41 4.01
CA MET A 17 24.54 5.59 3.68
C MET A 17 25.20 6.82 4.30
N LEU A 18 25.52 7.80 3.46
CA LEU A 18 26.25 8.99 3.87
C LEU A 18 25.50 10.20 3.33
N ASP A 19 26.03 11.39 3.46
CA ASP A 19 25.38 12.61 2.95
C ASP A 19 26.33 13.35 2.03
N VAL A 20 25.76 14.25 1.24
CA VAL A 20 26.51 15.11 0.36
C VAL A 20 26.77 16.47 0.99
N VAL A 21 27.69 17.24 0.42
CA VAL A 21 28.15 18.45 1.07
C VAL A 21 27.18 19.62 0.97
N GLY A 22 26.29 19.64 -0.02
CA GLY A 22 25.46 20.82 -0.17
C GLY A 22 24.29 20.69 -1.12
N THR A 23 23.90 21.82 -1.69
CA THR A 23 22.70 21.90 -2.55
C THR A 23 22.92 21.48 -3.99
N THR A 24 24.20 21.44 -4.41
CA THR A 24 24.63 20.94 -5.70
CA THR A 24 24.57 20.84 -5.68
C THR A 24 25.76 19.93 -5.45
N LEU A 25 25.91 18.92 -6.30
CA LEU A 25 26.95 17.90 -6.11
CA LEU A 25 26.90 17.90 -6.09
C LEU A 25 28.32 18.45 -6.40
N SER A 26 29.28 18.05 -5.57
CA SER A 26 30.67 18.36 -5.78
C SER A 26 31.44 17.17 -6.31
N ARG A 27 32.66 17.45 -6.81
CA ARG A 27 33.54 16.37 -7.23
C ARG A 27 33.80 15.37 -6.12
N ASP A 28 33.97 15.85 -4.89
CA ASP A 28 34.22 14.96 -3.77
C ASP A 28 32.99 14.08 -3.49
N ASP A 29 31.79 14.64 -3.59
CA ASP A 29 30.59 13.83 -3.45
C ASP A 29 30.57 12.73 -4.51
N ALA A 30 30.88 13.09 -5.75
CA ALA A 30 30.84 12.14 -6.85
C ALA A 30 31.80 10.98 -6.62
N ARG A 31 32.98 11.27 -6.09
CA ARG A 31 33.93 10.22 -5.73
C ARG A 31 33.37 9.26 -4.70
N ARG A 32 32.73 9.81 -3.67
CA ARG A 32 32.15 8.95 -2.65
C ARG A 32 30.97 8.15 -3.20
N LEU A 33 30.12 8.80 -4.02
CA LEU A 33 28.97 8.10 -4.60
C LEU A 33 29.34 6.93 -5.49
N ALA A 34 30.52 6.98 -6.10
CA ALA A 34 31.01 5.92 -6.96
C ALA A 34 31.69 4.77 -6.21
N HIS A 35 31.94 4.95 -4.92
CA HIS A 35 32.68 3.95 -4.14
C HIS A 35 31.82 2.72 -4.02
N PRO A 36 32.39 1.54 -4.23
CA PRO A 36 31.59 0.33 -4.17
C PRO A 36 30.87 0.13 -2.81
N ASN A 37 31.41 0.69 -1.72
CA ASN A 37 30.79 0.53 -0.40
C ASN A 37 29.68 1.52 -0.11
N THR A 38 29.40 2.40 -1.05
CA THR A 38 28.28 3.35 -0.89
C THR A 38 27.01 2.72 -1.39
N GLY A 39 25.97 2.77 -0.56
CA GLY A 39 24.64 2.32 -0.95
C GLY A 39 23.53 3.34 -0.81
N GLY A 40 23.79 4.44 -0.12
CA GLY A 40 22.75 5.42 0.08
C GLY A 40 23.20 6.81 0.36
N VAL A 41 22.24 7.73 0.18
CA VAL A 41 22.36 9.12 0.62
C VAL A 41 21.19 9.47 1.50
N ILE A 42 21.50 10.10 2.64
CA ILE A 42 20.51 10.71 3.53
C ILE A 42 20.59 12.22 3.38
N LEU A 43 19.44 12.88 3.20
CA LEU A 43 19.34 14.32 3.04
C LEU A 43 18.87 14.98 4.33
N PHE A 44 19.37 16.21 4.57
CA PHE A 44 18.99 17.04 5.69
C PHE A 44 18.46 18.38 5.23
N ALA A 45 18.07 19.24 6.16
CA ALA A 45 17.51 20.55 5.78
C ALA A 45 18.47 21.38 4.93
N ARG A 46 19.78 21.27 5.20
CA ARG A 46 20.78 22.06 4.48
CA ARG A 46 20.78 22.05 4.48
C ARG A 46 20.87 21.70 3.00
N HIS A 47 20.31 20.55 2.63
CA HIS A 47 20.27 20.14 1.23
C HIS A 47 19.11 20.70 0.45
N PHE A 48 18.25 21.51 1.09
CA PHE A 48 17.02 21.96 0.48
C PHE A 48 16.93 23.47 0.46
N GLN A 49 16.91 24.02 -0.74
CA GLN A 49 16.64 25.42 -0.96
C GLN A 49 15.24 25.57 -1.53
N ASN A 50 14.89 24.75 -2.52
CA ASN A 50 13.54 24.74 -3.13
C ASN A 50 13.37 23.47 -3.92
N ARG A 51 12.15 23.20 -4.37
CA ARG A 51 11.89 21.94 -5.04
C ARG A 51 12.75 21.73 -6.30
N ALA A 52 12.86 22.75 -7.14
CA ALA A 52 13.64 22.62 -8.38
C ALA A 52 15.07 22.26 -8.09
N GLN A 53 15.63 22.88 -7.06
CA GLN A 53 17.01 22.61 -6.70
C GLN A 53 17.15 21.18 -6.14
N LEU A 54 16.20 20.75 -5.33
CA LEU A 54 16.28 19.43 -4.72
C LEU A 54 16.13 18.34 -5.78
N THR A 55 15.19 18.53 -6.69
CA THR A 55 14.98 17.59 -7.80
C THR A 55 16.24 17.48 -8.65
N ALA A 56 16.88 18.61 -8.96
CA ALA A 56 18.16 18.57 -9.70
C ALA A 56 19.23 17.81 -8.93
N LEU A 57 19.27 18.02 -7.63
CA LEU A 57 20.27 17.33 -6.79
C LEU A 57 20.06 15.84 -6.79
N THR A 58 18.86 15.38 -6.55
CA THR A 58 18.64 13.94 -6.54
C THR A 58 18.88 13.32 -7.92
N ASP A 59 18.47 14.02 -8.98
CA ASP A 59 18.77 13.51 -10.33
C ASP A 59 20.30 13.37 -10.51
N SER A 60 21.05 14.35 -10.03
CA SER A 60 22.50 14.32 -10.20
C SER A 60 23.17 13.19 -9.43
N ILE A 61 22.60 12.85 -8.28
CA ILE A 61 23.10 11.76 -7.47
C ILE A 61 22.90 10.42 -8.19
N ARG A 62 21.69 10.21 -8.69
CA ARG A 62 21.38 8.97 -9.43
C ARG A 62 22.20 8.87 -10.72
N ALA A 63 22.56 10.01 -11.30
CA ALA A 63 23.39 9.99 -12.52
C ALA A 63 24.77 9.46 -12.22
N VAL A 64 25.31 9.73 -11.04
CA VAL A 64 26.59 9.11 -10.67
C VAL A 64 26.47 7.65 -10.29
N ARG A 65 25.43 7.33 -9.52
CA ARG A 65 25.26 5.96 -9.00
C ARG A 65 23.79 5.52 -9.15
N GLU A 66 23.53 4.75 -10.21
CA GLU A 66 22.16 4.44 -10.63
C GLU A 66 21.37 3.65 -9.59
N ASP A 67 22.08 2.85 -8.81
CA ASP A 67 21.46 1.96 -7.83
C ASP A 67 21.40 2.53 -6.41
N ILE A 68 21.73 3.81 -6.25
CA ILE A 68 21.70 4.50 -4.95
C ILE A 68 20.30 4.57 -4.36
N LEU A 69 20.20 4.47 -3.03
CA LEU A 69 18.96 4.72 -2.29
C LEU A 69 19.06 6.11 -1.69
N ILE A 70 18.03 6.96 -1.90
CA ILE A 70 17.99 8.31 -1.34
C ILE A 70 16.87 8.39 -0.30
N ALA A 71 17.24 8.77 0.92
CA ALA A 71 16.34 8.80 2.08
C ALA A 71 16.38 10.13 2.79
N VAL A 72 15.38 10.35 3.63
CA VAL A 72 15.27 11.57 4.47
C VAL A 72 14.45 11.23 5.71
N ASP A 73 14.65 12.01 6.78
CA ASP A 73 13.76 11.96 7.96
C ASP A 73 12.56 12.88 7.75
N HIS A 74 11.47 12.31 7.23
CA HIS A 74 10.18 12.99 7.16
C HIS A 74 9.20 12.23 8.02
N GLU A 75 9.17 12.62 9.30
CA GLU A 75 8.18 12.08 10.22
C GLU A 75 6.96 12.97 10.32
N GLY A 76 7.17 14.27 10.30
CA GLY A 76 6.17 15.26 10.73
C GLY A 76 6.52 15.85 12.07
N GLY A 77 5.87 16.97 12.40
CA GLY A 77 6.12 17.64 13.65
C GLY A 77 7.54 18.15 13.75
N ARG A 78 8.26 17.69 14.77
CA ARG A 78 9.60 18.17 15.04
C ARG A 78 10.66 17.58 14.10
N VAL A 79 10.32 16.56 13.31
CA VAL A 79 11.29 15.93 12.44
C VAL A 79 10.75 15.93 11.01
N GLN A 80 11.11 16.96 10.25
CA GLN A 80 10.67 17.10 8.87
C GLN A 80 11.63 18.06 8.20
N ARG A 81 12.52 17.54 7.39
CA ARG A 81 13.60 18.36 6.83
C ARG A 81 13.12 19.42 5.85
N PHE A 82 12.15 19.08 4.99
CA PHE A 82 11.69 19.99 3.93
C PHE A 82 10.30 20.48 4.29
N ARG A 83 10.21 21.77 4.62
CA ARG A 83 8.98 22.35 5.14
C ARG A 83 8.54 23.61 4.41
N THR A 84 9.16 23.91 3.29
CA THR A 84 8.86 25.11 2.53
C THR A 84 8.73 24.80 1.05
N ASP A 85 8.46 25.82 0.25
CA ASP A 85 8.25 25.67 -1.19
C ASP A 85 7.31 24.52 -1.54
N GLY A 86 6.16 24.49 -0.86
CA GLY A 86 5.12 23.59 -1.24
C GLY A 86 5.10 22.26 -0.53
N PHE A 87 6.17 21.91 0.18
CA PHE A 87 6.10 20.73 1.07
C PHE A 87 5.07 21.01 2.14
N THR A 88 4.19 20.04 2.38
CA THR A 88 3.17 20.17 3.39
C THR A 88 3.74 19.91 4.77
N VAL A 89 3.51 20.84 5.68
CA VAL A 89 3.95 20.66 7.07
C VAL A 89 3.02 19.65 7.73
N LEU A 90 3.58 18.50 8.10
CA LEU A 90 2.81 17.39 8.59
C LEU A 90 2.77 17.44 10.11
N PRO A 91 1.70 16.90 10.69
CA PRO A 91 1.57 16.88 12.13
C PRO A 91 2.62 16.03 12.85
N ALA A 92 2.89 16.35 14.12
CA ALA A 92 3.55 15.37 15.00
C ALA A 92 2.68 14.13 15.06
N MET A 93 3.31 12.94 15.07
CA MET A 93 2.51 11.71 15.10
C MET A 93 1.66 11.58 16.36
N ARG A 94 2.08 12.20 17.47
CA ARG A 94 1.22 12.24 18.66
C ARG A 94 -0.16 12.78 18.33
N ARG A 95 -0.27 13.72 17.39
CA ARG A 95 -1.60 14.27 17.04
C ARG A 95 -2.53 13.16 16.50
N LEU A 96 -1.97 12.16 15.83
CA LEU A 96 -2.79 11.07 15.28
C LEU A 96 -3.32 10.14 16.38
N GLY A 97 -2.53 9.93 17.43
CA GLY A 97 -3.01 9.18 18.60
C GLY A 97 -4.08 9.95 19.35
N GLU A 98 -3.95 11.27 19.41
CA GLU A 98 -5.01 12.10 20.03
C GLU A 98 -6.31 12.02 19.24
N LEU A 99 -6.19 12.02 17.91
CA LEU A 99 -7.36 11.85 17.06
C LEU A 99 -8.01 10.49 17.28
N TRP A 100 -7.20 9.44 17.36
CA TRP A 100 -7.70 8.10 17.61
C TRP A 100 -8.52 8.03 18.88
N ASP A 101 -8.06 8.72 19.92
CA ASP A 101 -8.77 8.71 21.20
C ASP A 101 -10.15 9.32 21.07
N ARG A 102 -10.37 10.14 20.04
CA ARG A 102 -11.68 10.73 19.78
CA ARG A 102 -11.68 10.73 19.78
C ARG A 102 -12.49 9.91 18.77
N ASP A 103 -11.83 9.42 17.72
CA ASP A 103 -12.46 8.68 16.63
C ASP A 103 -11.44 7.77 15.95
N VAL A 104 -11.52 6.49 16.29
CA VAL A 104 -10.56 5.48 15.84
C VAL A 104 -10.51 5.43 14.31
N LEU A 105 -11.65 5.28 13.71
CA LEU A 105 -11.72 5.05 12.28
C LEU A 105 -11.24 6.29 11.52
N LEU A 106 -11.66 7.49 11.94
CA LEU A 106 -11.17 8.71 11.28
C LEU A 106 -9.66 8.83 11.41
N ALA A 107 -9.13 8.48 12.55
CA ALA A 107 -7.66 8.55 12.74
C ALA A 107 -6.94 7.67 11.70
N THR A 108 -7.48 6.49 11.42
CA THR A 108 -6.85 5.59 10.46
C THR A 108 -6.91 6.20 9.06
N LYS A 109 -8.00 6.87 8.74
CA LYS A 109 -8.20 7.50 7.43
C LYS A 109 -7.20 8.66 7.28
N VAL A 110 -7.09 9.47 8.33
CA VAL A 110 -6.16 10.60 8.30
C VAL A 110 -4.71 10.13 8.23
N ALA A 111 -4.37 9.06 8.97
CA ALA A 111 -3.00 8.47 8.90
C ALA A 111 -2.62 8.09 7.48
N THR A 112 -3.56 7.49 6.73
CA THR A 112 -3.30 7.17 5.34
C THR A 112 -3.09 8.40 4.49
N ALA A 113 -3.92 9.43 4.70
CA ALA A 113 -3.80 10.64 3.94
C ALA A 113 -2.45 11.30 4.21
N VAL A 114 -2.02 11.32 5.47
CA VAL A 114 -0.70 11.86 5.81
C VAL A 114 0.38 11.09 5.07
N GLY A 115 0.33 9.76 5.14
CA GLY A 115 1.34 8.93 4.45
C GLY A 115 1.40 9.17 2.96
N TYR A 116 0.23 9.32 2.35
CA TYR A 116 0.19 9.53 0.91
C TYR A 116 0.85 10.88 0.54
N ILE A 117 0.45 11.93 1.26
CA ILE A 117 1.02 13.26 1.00
C ILE A 117 2.54 13.23 1.19
N LEU A 118 2.98 12.68 2.30
CA LEU A 118 4.37 12.57 2.67
C LEU A 118 5.15 11.94 1.53
N ALA A 119 4.72 10.77 1.12
CA ALA A 119 5.42 10.02 0.07
C ALA A 119 5.32 10.67 -1.29
N ALA A 120 4.14 11.15 -1.66
CA ALA A 120 3.99 11.69 -3.00
C ALA A 120 4.87 12.92 -3.20
N GLU A 121 4.96 13.77 -2.17
CA GLU A 121 5.78 14.98 -2.29
C GLU A 121 7.27 14.62 -2.36
N LEU A 122 7.72 13.66 -1.56
CA LEU A 122 9.10 13.19 -1.64
C LEU A 122 9.40 12.59 -3.01
N ARG A 123 8.50 11.78 -3.54
CA ARG A 123 8.74 11.14 -4.82
C ARG A 123 8.82 12.17 -5.94
N ALA A 124 8.04 13.24 -5.82
CA ALA A 124 8.06 14.32 -6.81
C ALA A 124 9.45 14.98 -6.88
N CYS A 125 10.20 14.95 -5.78
CA CYS A 125 11.58 15.46 -5.77
C CYS A 125 12.64 14.36 -5.92
N GLY A 126 12.23 13.13 -6.26
CA GLY A 126 13.17 12.06 -6.57
C GLY A 126 13.80 11.34 -5.42
N ILE A 127 13.09 11.30 -4.30
CA ILE A 127 13.55 10.64 -3.07
C ILE A 127 12.86 9.27 -2.95
N ASP A 128 13.59 8.25 -2.55
CA ASP A 128 13.02 6.91 -2.42
C ASP A 128 12.17 6.66 -1.20
N MET A 129 12.58 7.19 -0.04
CA MET A 129 11.98 6.76 1.20
C MET A 129 12.17 7.80 2.31
N SER A 130 11.29 7.69 3.33
CA SER A 130 11.46 8.39 4.59
C SER A 130 11.70 7.40 5.73
N PHE A 131 12.57 7.75 6.69
CA PHE A 131 12.74 6.99 7.90
C PHE A 131 11.59 7.26 8.87
N THR A 132 10.46 6.66 8.58
CA THR A 132 9.22 6.76 9.35
C THR A 132 8.50 5.43 9.09
N PRO A 133 7.73 4.88 10.04
CA PRO A 133 7.20 5.44 11.28
C PRO A 133 8.03 5.16 12.55
N VAL A 134 7.97 6.10 13.48
CA VAL A 134 8.36 5.86 14.86
C VAL A 134 7.35 4.93 15.50
N LEU A 135 7.84 3.76 15.92
CA LEU A 135 7.02 2.77 16.65
C LEU A 135 7.27 2.79 18.15
N ASP A 136 8.12 3.71 18.60
CA ASP A 136 8.36 3.90 20.04
C ASP A 136 7.03 4.21 20.73
N LEU A 137 6.83 3.62 21.91
CA LEU A 137 5.59 3.86 22.66
C LEU A 137 5.68 5.16 23.44
N ASP A 138 4.56 5.88 23.53
CA ASP A 138 4.54 7.16 24.26
C ASP A 138 4.36 6.94 25.76
N TYR A 139 5.43 6.46 26.41
CA TYR A 139 5.41 6.33 27.86
C TYR A 139 5.45 7.69 28.53
N GLY A 140 5.96 8.71 27.82
CA GLY A 140 6.24 10.02 28.43
C GLY A 140 7.61 10.16 29.04
N HIS A 141 8.44 9.11 28.95
CA HIS A 141 9.74 9.06 29.60
C HIS A 141 10.84 9.69 28.81
N SER A 142 10.70 9.69 27.48
CA SER A 142 11.76 10.08 26.60
C SER A 142 11.54 11.46 25.94
N LYS A 143 12.43 12.40 26.20
CA LYS A 143 12.39 13.73 25.55
C LYS A 143 12.72 13.61 24.06
N VAL A 144 13.74 12.82 23.73
CA VAL A 144 14.17 12.75 22.34
C VAL A 144 13.04 12.23 21.46
N ILE A 145 12.23 11.33 21.99
CA ILE A 145 11.07 10.85 21.24
C ILE A 145 9.91 11.82 21.38
N GLY A 146 9.39 11.98 22.60
CA GLY A 146 8.32 12.95 22.83
C GLY A 146 7.16 12.80 21.88
N ASP A 147 6.73 13.89 21.27
CA ASP A 147 5.58 13.90 20.37
C ASP A 147 5.79 13.16 19.04
N ARG A 148 6.97 12.59 18.84
CA ARG A 148 7.21 11.73 17.68
C ARG A 148 6.51 10.38 17.78
N ALA A 149 6.09 9.97 18.98
CA ALA A 149 5.39 8.70 19.17
C ALA A 149 3.91 8.87 18.93
N PHE A 150 3.29 7.87 18.31
CA PHE A 150 1.87 7.90 17.97
C PHE A 150 0.96 7.84 19.21
N HIS A 151 1.29 6.99 20.18
CA HIS A 151 0.38 6.65 21.27
C HIS A 151 1.14 5.82 22.28
N ARG A 152 0.54 5.69 23.46
CA ARG A 152 1.03 4.79 24.51
C ARG A 152 0.83 3.29 24.19
N ASP A 153 -0.33 2.97 23.64
CA ASP A 153 -0.79 1.57 23.54
C ASP A 153 -0.18 0.96 22.28
N PRO A 154 0.59 -0.13 22.38
CA PRO A 154 1.22 -0.72 21.20
C PRO A 154 0.19 -1.18 20.14
N ARG A 155 -1.03 -1.53 20.55
CA ARG A 155 -2.06 -1.91 19.53
C ARG A 155 -2.46 -0.71 18.70
N VAL A 156 -2.53 0.46 19.32
CA VAL A 156 -2.87 1.70 18.64
C VAL A 156 -1.70 2.17 17.76
N VAL A 157 -0.48 2.14 18.30
CA VAL A 157 0.71 2.43 17.50
C VAL A 157 0.70 1.58 16.23
N THR A 158 0.43 0.29 16.38
CA THR A 158 0.47 -0.63 15.25
C THR A 158 -0.53 -0.21 14.18
N LEU A 159 -1.77 0.01 14.56
CA LEU A 159 -2.79 0.24 13.53
C LEU A 159 -2.64 1.66 12.91
N LEU A 160 -2.20 2.65 13.69
CA LEU A 160 -1.93 3.98 13.12
C LEU A 160 -0.72 3.93 12.18
N ALA A 161 0.36 3.30 12.59
CA ALA A 161 1.54 3.14 11.76
C ALA A 161 1.25 2.35 10.52
N LYS A 162 0.43 1.30 10.65
CA LYS A 162 0.04 0.49 9.49
C LYS A 162 -0.70 1.36 8.48
N SER A 163 -1.61 2.21 8.98
CA SER A 163 -2.39 3.05 8.10
C SER A 163 -1.51 4.10 7.41
N LEU A 164 -0.54 4.63 8.15
CA LEU A 164 0.45 5.55 7.57
C LEU A 164 1.21 4.84 6.46
N ASN A 165 1.74 3.66 6.78
CA ASN A 165 2.50 2.87 5.82
C ASN A 165 1.70 2.52 4.59
N HIS A 166 0.41 2.29 4.76
CA HIS A 166 -0.48 2.09 3.61
C HIS A 166 -0.45 3.31 2.70
N GLY A 167 -0.60 4.50 3.26
CA GLY A 167 -0.50 5.73 2.50
C GLY A 167 0.81 5.89 1.75
N LEU A 168 1.91 5.58 2.43
CA LEU A 168 3.22 5.59 1.78
C LEU A 168 3.22 4.63 0.59
N SER A 169 2.67 3.43 0.78
CA SER A 169 2.64 2.42 -0.28
C SER A 169 1.80 2.85 -1.48
N LEU A 170 0.77 3.67 -1.25
CA LEU A 170 -0.06 4.12 -2.37
C LEU A 170 0.75 4.94 -3.36
N ALA A 171 1.82 5.59 -2.88
CA ALA A 171 2.76 6.31 -3.73
C ALA A 171 3.98 5.50 -4.10
N GLY A 172 3.99 4.20 -3.80
CA GLY A 172 5.12 3.34 -4.12
C GLY A 172 6.27 3.40 -3.15
N MET A 173 6.05 3.99 -1.98
CA MET A 173 7.13 4.15 -1.00
C MET A 173 7.08 3.12 0.10
N ALA A 174 8.26 2.63 0.49
CA ALA A 174 8.44 1.77 1.63
C ALA A 174 8.42 2.58 2.92
N ASN A 175 9.00 2.02 3.97
CA ASN A 175 8.90 2.57 5.31
C ASN A 175 10.01 1.99 6.18
N CYS A 176 10.16 2.52 7.38
CA CYS A 176 11.21 2.05 8.29
C CYS A 176 10.80 2.32 9.71
N GLY A 177 10.45 1.27 10.43
CA GLY A 177 10.09 1.42 11.79
C GLY A 177 11.26 1.65 12.71
N LYS A 178 11.08 2.50 13.71
CA LYS A 178 12.20 2.86 14.59
C LYS A 178 11.70 3.26 15.97
N HIS A 179 12.51 3.12 17.04
CA HIS A 179 13.91 2.70 17.06
C HIS A 179 13.96 1.40 17.84
N PHE A 180 14.12 0.29 17.14
CA PHE A 180 13.90 -1.05 17.68
C PHE A 180 14.97 -1.41 18.73
N PRO A 181 14.59 -2.09 19.82
CA PRO A 181 13.30 -2.64 20.20
C PRO A 181 12.40 -1.68 20.96
N GLY A 182 12.78 -0.42 21.07
CA GLY A 182 11.94 0.61 21.65
C GLY A 182 12.74 1.65 22.43
N HIS A 183 12.64 2.90 21.99
CA HIS A 183 13.32 4.04 22.61
C HIS A 183 12.41 4.81 23.55
N GLY A 184 11.15 4.38 23.68
CA GLY A 184 10.14 5.12 24.45
C GLY A 184 10.28 5.10 25.95
N PHE A 185 10.92 4.09 26.51
CA PHE A 185 10.95 3.90 27.95
C PHE A 185 12.17 4.50 28.58
N ALA A 186 13.30 4.43 27.89
CA ALA A 186 14.60 4.96 28.35
C ALA A 186 14.61 6.48 28.39
N GLU A 187 15.28 7.04 29.39
CA GLU A 187 15.29 8.50 29.63
C GLU A 187 16.23 9.26 28.70
N ALA A 188 17.46 8.76 28.55
CA ALA A 188 18.49 9.56 27.87
C ALA A 188 18.34 9.69 26.35
N ASP A 189 19.03 10.70 25.82
CA ASP A 189 19.02 11.02 24.39
C ASP A 189 20.25 10.36 23.76
N SER A 190 20.04 9.39 22.87
CA SER A 190 21.17 8.71 22.21
C SER A 190 22.06 9.60 21.31
N HIS A 191 21.58 10.79 20.92
CA HIS A 191 22.44 11.76 20.22
C HIS A 191 23.65 12.19 21.02
N VAL A 192 23.46 12.33 22.34
CA VAL A 192 24.45 13.01 23.21
C VAL A 192 24.89 12.20 24.43
N ALA A 193 24.27 11.05 24.64
CA ALA A 193 24.56 10.19 25.78
C ALA A 193 24.27 8.72 25.41
N LEU A 194 24.53 7.81 26.34
CA LEU A 194 24.28 6.39 26.09
C LEU A 194 23.10 5.94 26.97
N PRO A 195 21.88 5.95 26.42
CA PRO A 195 20.69 5.59 27.22
C PRO A 195 20.63 4.10 27.61
N THR A 196 20.06 3.84 28.79
CA THR A 196 19.86 2.47 29.29
C THR A 196 18.40 2.23 29.59
N ASP A 197 18.00 0.97 29.46
CA ASP A 197 16.66 0.48 29.75
C ASP A 197 16.88 -0.82 30.50
N ASP A 198 16.45 -0.89 31.76
CA ASP A 198 16.76 -2.01 32.64
CA ASP A 198 16.76 -2.04 32.60
C ASP A 198 15.59 -3.01 32.77
N ARG A 199 14.65 -3.01 31.83
CA ARG A 199 13.50 -3.92 31.84
C ARG A 199 13.88 -5.34 31.45
N THR A 200 13.05 -6.31 31.83
CA THR A 200 13.31 -7.68 31.41
C THR A 200 13.03 -7.82 29.91
N LEU A 201 13.63 -8.82 29.29
CA LEU A 201 13.33 -9.14 27.91
C LEU A 201 11.82 -9.33 27.71
N ASP A 202 11.17 -10.05 28.63
CA ASP A 202 9.74 -10.34 28.44
C ASP A 202 8.91 -9.06 28.45
N ALA A 203 9.29 -8.10 29.28
CA ALA A 203 8.55 -6.85 29.35
C ALA A 203 8.71 -6.03 28.06
N ILE A 204 9.90 -6.03 27.51
CA ILE A 204 10.20 -5.29 26.26
C ILE A 204 9.48 -5.94 25.09
N LEU A 205 9.50 -7.27 25.04
CA LEU A 205 8.80 -7.99 24.01
C LEU A 205 7.29 -7.82 24.01
N GLU A 206 6.69 -7.80 25.21
CA GLU A 206 5.25 -7.74 25.40
C GLU A 206 4.62 -6.48 24.84
N GLN A 207 5.33 -5.37 24.99
CA GLN A 207 4.79 -4.07 24.66
C GLN A 207 5.56 -3.43 23.51
N ASP A 208 6.81 -3.05 23.77
CA ASP A 208 7.53 -2.21 22.83
C ASP A 208 7.84 -2.90 21.51
N VAL A 209 8.08 -4.21 21.53
CA VAL A 209 8.40 -4.94 20.30
C VAL A 209 7.12 -5.36 19.54
N ALA A 210 5.99 -5.35 20.23
CA ALA A 210 4.75 -5.89 19.65
C ALA A 210 4.38 -5.28 18.28
N PRO A 211 4.53 -3.97 18.09
CA PRO A 211 4.19 -3.41 16.77
C PRO A 211 5.04 -3.97 15.64
N TYR A 212 6.31 -4.23 15.89
CA TYR A 212 7.18 -4.81 14.90
C TYR A 212 6.67 -6.19 14.45
N ASP A 213 6.20 -6.97 15.42
CA ASP A 213 5.68 -8.31 15.16
C ASP A 213 4.31 -8.25 14.47
N TRP A 214 3.43 -7.40 14.96
CA TRP A 214 2.08 -7.35 14.40
C TRP A 214 2.00 -6.74 13.03
N LEU A 215 2.92 -5.88 12.68
CA LEU A 215 2.86 -5.24 11.36
C LEU A 215 3.07 -6.24 10.21
N GLY A 216 3.82 -7.30 10.43
CA GLY A 216 4.03 -8.26 9.36
C GLY A 216 4.61 -7.56 8.12
N LEU A 217 4.03 -7.87 6.96
CA LEU A 217 4.52 -7.37 5.68
C LEU A 217 4.39 -5.88 5.52
N SER A 218 3.61 -5.25 6.38
CA SER A 218 3.44 -3.82 6.38
CA SER A 218 3.49 -3.82 6.29
C SER A 218 4.65 -3.08 6.92
N LEU A 219 5.62 -3.81 7.48
CA LEU A 219 6.87 -3.20 8.00
C LEU A 219 7.97 -3.60 7.02
N ALA A 220 8.58 -2.60 6.40
CA ALA A 220 9.60 -2.82 5.34
C ALA A 220 11.05 -2.84 5.81
N ALA A 221 11.32 -2.12 6.88
CA ALA A 221 12.68 -1.95 7.37
C ALA A 221 12.62 -1.52 8.82
N VAL A 222 13.78 -1.59 9.48
CA VAL A 222 13.94 -1.14 10.85
C VAL A 222 15.24 -0.35 11.02
N ILE A 223 15.20 0.67 11.89
CA ILE A 223 16.39 1.25 12.51
C ILE A 223 16.39 0.86 13.97
N PRO A 224 17.48 0.23 14.45
CA PRO A 224 17.57 -0.07 15.87
C PRO A 224 18.03 1.11 16.69
N ALA A 225 17.61 1.16 17.97
CA ALA A 225 18.04 2.19 18.92
C ALA A 225 19.49 2.01 19.37
N HIS A 226 20.20 3.12 19.56
CA HIS A 226 21.45 3.08 20.32
C HIS A 226 20.99 3.25 21.77
N VAL A 227 20.47 2.18 22.32
CA VAL A 227 20.09 2.08 23.71
C VAL A 227 20.63 0.73 24.18
N ILE A 228 21.13 0.69 25.42
CA ILE A 228 21.54 -0.56 26.06
C ILE A 228 20.43 -1.08 26.94
N TYR A 229 20.00 -2.28 26.64
CA TYR A 229 18.93 -2.96 27.38
C TYR A 229 19.69 -3.93 28.27
N THR A 230 19.92 -3.48 29.50
CA THR A 230 20.95 -4.06 30.35
C THR A 230 20.65 -5.46 30.83
N GLN A 231 19.38 -5.84 30.87
CA GLN A 231 19.01 -7.22 31.22
C GLN A 231 19.05 -8.17 30.05
N VAL A 232 19.35 -7.67 28.84
CA VAL A 232 19.29 -8.49 27.63
C VAL A 232 20.67 -8.65 26.95
N ASP A 233 21.39 -7.55 26.77
CA ASP A 233 22.72 -7.53 26.16
C ASP A 233 23.42 -6.22 26.56
N LYS A 234 24.71 -6.26 26.92
CA LYS A 234 25.44 -5.04 27.20
C LYS A 234 25.74 -4.19 25.97
N ARG A 235 25.58 -4.76 24.77
CA ARG A 235 25.75 -4.02 23.52
C ARG A 235 24.50 -3.24 23.17
N PRO A 236 24.65 -1.98 22.71
CA PRO A 236 23.49 -1.24 22.18
C PRO A 236 22.82 -2.04 21.08
N ALA A 237 21.50 -1.86 20.92
CA ALA A 237 20.74 -2.71 20.02
C ALA A 237 21.29 -2.80 18.60
N GLY A 238 21.77 -1.70 18.01
CA GLY A 238 22.31 -1.75 16.67
C GLY A 238 23.65 -2.44 16.51
N PHE A 239 24.30 -2.74 17.64
CA PHE A 239 25.52 -3.53 17.68
C PHE A 239 25.30 -4.88 18.35
N SER A 240 24.05 -5.29 18.51
CA SER A 240 23.69 -6.48 19.26
C SER A 240 23.16 -7.60 18.35
N ARG A 241 23.93 -8.69 18.27
CA ARG A 241 23.43 -9.88 17.57
C ARG A 241 22.19 -10.43 18.21
N VAL A 242 22.10 -10.33 19.55
CA VAL A 242 20.89 -10.77 20.27
C VAL A 242 19.67 -10.03 19.73
N TRP A 243 19.72 -8.71 19.70
CA TRP A 243 18.52 -7.95 19.25
C TRP A 243 18.26 -8.15 17.79
N LEU A 244 19.29 -8.04 16.97
CA LEU A 244 19.09 -8.00 15.51
C LEU A 244 18.88 -9.39 14.90
N GLN A 245 19.61 -10.39 15.37
CA GLN A 245 19.44 -11.73 14.85
CA GLN A 245 19.48 -11.76 14.85
C GLN A 245 18.51 -12.54 15.73
N ASP A 246 18.82 -12.72 17.00
CA ASP A 246 18.03 -13.67 17.79
C ASP A 246 16.56 -13.22 17.87
N ILE A 247 16.34 -11.93 18.14
CA ILE A 247 14.97 -11.40 18.30
C ILE A 247 14.35 -10.99 16.97
N LEU A 248 14.95 -10.08 16.23
CA LEU A 248 14.27 -9.52 15.05
C LEU A 248 14.22 -10.52 13.89
N ARG A 249 15.37 -11.07 13.48
CA ARG A 249 15.39 -12.07 12.38
C ARG A 249 14.82 -13.41 12.82
N GLY A 250 15.11 -13.80 14.05
CA GLY A 250 14.80 -15.12 14.55
C GLY A 250 13.40 -15.26 15.07
N LYS A 251 13.15 -14.72 16.27
CA LYS A 251 11.84 -14.83 16.90
C LYS A 251 10.74 -14.19 16.04
N LEU A 252 11.04 -13.03 15.44
CA LEU A 252 10.02 -12.31 14.67
C LEU A 252 9.99 -12.68 13.20
N GLY A 253 11.03 -13.34 12.73
CA GLY A 253 11.05 -13.72 11.31
C GLY A 253 11.17 -12.57 10.32
N PHE A 254 11.71 -11.44 10.76
CA PHE A 254 11.76 -10.26 9.91
C PHE A 254 12.74 -10.42 8.76
N THR A 255 12.30 -10.05 7.56
CA THR A 255 13.11 -10.20 6.33
C THR A 255 13.37 -8.88 5.61
N GLY A 256 13.02 -7.76 6.23
CA GLY A 256 13.29 -6.46 5.64
C GLY A 256 14.64 -5.93 5.99
N ALA A 257 14.96 -4.76 5.45
CA ALA A 257 16.26 -4.16 5.65
C ALA A 257 16.40 -3.64 7.07
N ILE A 258 17.62 -3.69 7.59
CA ILE A 258 17.98 -3.09 8.88
C ILE A 258 19.04 -2.02 8.63
N PHE A 259 18.74 -0.78 9.00
CA PHE A 259 19.64 0.38 8.88
C PHE A 259 20.15 0.73 10.26
N SER A 260 21.46 0.86 10.47
CA SER A 260 21.94 1.35 11.78
C SER A 260 21.41 2.75 12.03
N ASP A 261 21.21 3.09 13.29
CA ASP A 261 21.03 4.49 13.60
C ASP A 261 22.38 5.21 13.32
N ASP A 262 22.33 6.52 13.25
CA ASP A 262 23.50 7.31 12.84
C ASP A 262 24.72 7.00 13.71
N LEU A 263 25.80 6.54 13.09
CA LEU A 263 26.98 6.13 13.82
C LEU A 263 27.78 7.34 14.31
N SER A 264 27.41 8.53 13.82
CA SER A 264 27.96 9.79 14.38
C SER A 264 27.46 10.16 15.78
N MET A 265 26.36 9.55 16.22
CA MET A 265 25.73 9.84 17.52
C MET A 265 26.61 9.36 18.66
N GLU A 266 26.58 10.09 19.76
CA GLU A 266 27.46 9.78 20.90
C GLU A 266 27.27 8.35 21.43
N ALA A 267 26.03 7.86 21.43
CA ALA A 267 25.77 6.50 21.92
C ALA A 267 26.50 5.46 21.06
N ALA A 268 26.64 5.74 19.76
CA ALA A 268 27.31 4.82 18.84
C ALA A 268 28.82 4.66 19.13
N ARG A 269 29.38 5.57 19.92
CA ARG A 269 30.78 5.47 20.33
C ARG A 269 30.97 4.29 21.30
N THR A 273 36.33 3.65 16.83
CA THR A 273 36.24 4.46 15.62
C THR A 273 34.94 4.23 14.84
N LEU A 274 34.62 5.19 13.97
CA LEU A 274 33.49 5.04 13.06
C LEU A 274 33.61 3.74 12.25
N THR A 275 34.79 3.43 11.73
CA THR A 275 34.98 2.20 10.94
C THR A 275 34.70 0.97 11.81
N GLN A 276 35.25 0.94 13.03
CA GLN A 276 34.95 -0.17 13.97
C GLN A 276 33.48 -0.31 14.27
N ALA A 277 32.78 0.81 14.49
CA ALA A 277 31.37 0.79 14.81
C ALA A 277 30.59 0.29 13.59
N ALA A 278 30.99 0.70 12.39
CA ALA A 278 30.35 0.21 11.17
C ALA A 278 30.50 -1.30 11.05
N ASP A 279 31.73 -1.78 11.21
CA ASP A 279 31.96 -3.21 11.13
C ASP A 279 31.11 -3.95 12.15
N ALA A 280 30.99 -3.41 13.36
CA ALA A 280 30.26 -4.08 14.44
C ALA A 280 28.77 -4.08 14.15
N ALA A 281 28.25 -2.97 13.61
CA ALA A 281 26.83 -2.90 13.26
C ALA A 281 26.50 -3.92 12.18
N LEU A 282 27.34 -4.02 11.17
CA LEU A 282 27.09 -4.96 10.08
C LEU A 282 27.25 -6.38 10.59
N ALA A 283 28.24 -6.66 11.44
CA ALA A 283 28.38 -8.01 11.95
C ALA A 283 27.19 -8.41 12.80
N ALA A 284 26.60 -7.47 13.52
CA ALA A 284 25.46 -7.76 14.37
C ALA A 284 24.21 -8.06 13.56
N GLY A 285 24.13 -7.53 12.35
CA GLY A 285 22.95 -7.74 11.49
C GLY A 285 22.37 -6.57 10.73
N CYS A 286 22.96 -5.39 10.85
CA CYS A 286 22.51 -4.29 9.98
C CYS A 286 22.88 -4.59 8.53
N ASP A 287 22.00 -4.20 7.61
CA ASP A 287 22.27 -4.27 6.17
C ASP A 287 22.97 -3.02 5.64
N MET A 288 22.68 -1.88 6.28
CA MET A 288 23.30 -0.62 5.90
CA MET A 288 23.21 -0.59 5.89
C MET A 288 23.59 0.14 7.18
N VAL A 289 24.63 0.96 7.14
CA VAL A 289 25.01 1.80 8.27
C VAL A 289 24.92 3.23 7.84
N LEU A 290 24.40 4.08 8.74
CA LEU A 290 24.34 5.53 8.47
C LEU A 290 25.55 6.25 9.09
N VAL A 291 26.21 7.10 8.31
CA VAL A 291 27.24 7.99 8.81
C VAL A 291 26.86 9.38 8.36
N CYS A 292 26.29 10.15 9.29
CA CYS A 292 25.76 11.47 8.96
C CYS A 292 26.64 12.62 9.42
N ASN A 293 26.60 13.67 8.64
CA ASN A 293 27.18 14.96 9.00
C ASN A 293 28.69 14.97 9.09
N GLN A 294 29.37 14.00 8.46
CA GLN A 294 30.82 14.07 8.36
C GLN A 294 31.29 13.20 7.18
N PRO A 295 31.10 13.72 5.96
CA PRO A 295 31.37 12.93 4.75
C PRO A 295 32.81 12.49 4.58
N ASP A 296 33.78 13.28 4.98
CA ASP A 296 35.16 12.83 4.96
C ASP A 296 35.43 11.66 5.88
N ALA A 297 34.79 11.68 7.05
CA ALA A 297 34.94 10.54 7.97
C ALA A 297 34.20 9.32 7.44
N ALA A 298 33.08 9.56 6.76
CA ALA A 298 32.37 8.48 6.08
C ALA A 298 33.25 7.86 4.99
N GLU A 299 34.05 8.68 4.31
CA GLU A 299 34.93 8.17 3.27
C GLU A 299 36.02 7.26 3.83
N VAL A 300 36.53 7.61 5.02
CA VAL A 300 37.44 6.73 5.74
C VAL A 300 36.79 5.36 5.97
N VAL A 301 35.53 5.35 6.39
CA VAL A 301 34.76 4.12 6.58
C VAL A 301 34.61 3.36 5.26
N LEU A 302 34.29 4.05 4.18
CA LEU A 302 34.16 3.38 2.88
C LEU A 302 35.43 2.58 2.54
N ASN A 303 36.58 3.18 2.82
CA ASN A 303 37.86 2.59 2.39
C ASN A 303 38.41 1.65 3.44
N GLY A 304 37.89 1.69 4.66
CA GLY A 304 38.42 0.86 5.76
C GLY A 304 37.55 -0.32 6.17
N LEU A 305 36.30 -0.33 5.74
CA LEU A 305 35.34 -1.34 6.16
C LEU A 305 35.84 -2.75 5.87
N LYS A 306 35.68 -3.67 6.82
CA LYS A 306 36.05 -5.08 6.62
C LYS A 306 35.03 -5.81 5.73
N ALA A 307 35.57 -6.67 4.87
CA ALA A 307 34.79 -7.41 3.90
C ALA A 307 33.88 -8.44 4.57
N ARG A 308 32.74 -8.66 3.94
CA ARG A 308 31.68 -9.47 4.51
C ARG A 308 30.81 -10.00 3.37
N ALA A 309 30.07 -11.07 3.66
CA ALA A 309 28.99 -11.54 2.81
C ALA A 309 27.91 -10.46 2.75
N SER A 310 27.50 -10.10 1.54
CA SER A 310 26.52 -9.07 1.37
C SER A 310 25.34 -9.43 0.47
N ALA A 311 25.27 -10.58 -0.20
CA ALA A 311 24.19 -10.79 -1.16
C ALA A 311 22.79 -10.70 -0.55
N GLU A 312 22.63 -11.24 0.66
CA GLU A 312 21.33 -11.20 1.32
C GLU A 312 20.98 -9.76 1.71
N SER A 313 21.97 -8.98 2.11
CA SER A 313 21.73 -7.57 2.43
C SER A 313 21.35 -6.79 1.17
N VAL A 314 22.03 -7.05 0.05
CA VAL A 314 21.72 -6.35 -1.19
C VAL A 314 20.29 -6.58 -1.68
N ARG A 315 19.76 -7.78 -1.50
CA ARG A 315 18.36 -8.04 -1.85
C ARG A 315 17.45 -7.08 -1.09
N ARG A 316 17.71 -6.97 0.21
CA ARG A 316 16.88 -6.16 1.06
C ARG A 316 17.02 -4.69 0.78
N ILE A 317 18.23 -4.23 0.51
CA ILE A 317 18.48 -2.83 0.22
C ILE A 317 17.79 -2.44 -1.09
N LYS A 318 17.90 -3.27 -2.13
CA LYS A 318 17.23 -2.96 -3.40
C LYS A 318 15.70 -2.87 -3.24
N ARG A 319 15.13 -3.65 -2.33
CA ARG A 319 13.70 -3.60 -2.07
C ARG A 319 13.22 -2.36 -1.35
N MET A 320 14.13 -1.46 -0.95
CA MET A 320 13.76 -0.17 -0.35
C MET A 320 13.61 0.92 -1.39
N ARG A 321 14.00 0.68 -2.64
CA ARG A 321 13.80 1.69 -3.69
C ARG A 321 12.30 1.89 -3.93
N ALA A 322 11.91 3.13 -4.25
CA ALA A 322 10.52 3.41 -4.56
C ALA A 322 10.10 2.64 -5.79
N ARG A 323 8.83 2.23 -5.79
CA ARG A 323 8.26 1.36 -6.83
C ARG A 323 7.38 2.10 -7.81
N GLY A 324 7.51 1.76 -9.07
CA GLY A 324 6.65 2.32 -10.08
C GLY A 324 6.99 3.75 -10.39
N LYS A 325 6.16 4.34 -11.23
CA LYS A 325 6.33 5.71 -11.65
C LYS A 325 5.76 6.65 -10.62
N ALA A 326 6.34 7.82 -10.54
CA ALA A 326 5.81 8.86 -9.67
C ALA A 326 5.45 10.10 -10.47
N LEU A 327 4.43 10.82 -10.03
CA LEU A 327 4.10 12.10 -10.61
C LEU A 327 5.12 13.14 -10.21
N LYS A 328 5.49 13.96 -11.16
CA LYS A 328 6.26 15.15 -10.91
C LYS A 328 5.32 16.18 -10.31
N TRP A 329 5.90 17.20 -9.72
CA TRP A 329 5.09 18.22 -9.03
C TRP A 329 4.03 18.85 -9.87
N ASP A 330 4.37 19.19 -11.12
CA ASP A 330 3.42 19.84 -12.00
C ASP A 330 2.17 18.98 -12.29
N LYS A 331 2.24 17.66 -12.08
CA LYS A 331 1.06 16.80 -12.15
C LYS A 331 0.42 16.53 -10.78
N LEU A 332 1.26 16.39 -9.76
CA LEU A 332 0.76 16.09 -8.44
C LEU A 332 -0.19 17.16 -7.90
N ILE A 333 0.16 18.40 -8.17
CA ILE A 333 -0.59 19.58 -7.68
C ILE A 333 -2.03 19.61 -8.21
N ALA A 334 -2.29 18.91 -9.29
CA ALA A 334 -3.62 18.87 -9.90
C ALA A 334 -4.33 17.54 -9.63
N GLN A 335 -3.70 16.62 -8.89
CA GLN A 335 -4.29 15.28 -8.74
C GLN A 335 -5.43 15.24 -7.73
N PRO A 336 -6.60 14.71 -8.13
CA PRO A 336 -7.72 14.65 -7.18
C PRO A 336 -7.45 13.94 -5.84
N GLU A 337 -6.73 12.83 -5.87
CA GLU A 337 -6.39 12.13 -4.63
C GLU A 337 -5.56 12.98 -3.67
N TYR A 338 -4.53 13.63 -4.21
CA TYR A 338 -3.67 14.52 -3.44
C TYR A 338 -4.49 15.66 -2.86
N LEU A 339 -5.38 16.22 -3.67
CA LEU A 339 -6.19 17.34 -3.21
C LEU A 339 -7.18 16.89 -2.13
N GLN A 340 -7.74 15.68 -2.27
CA GLN A 340 -8.66 15.11 -1.26
C GLN A 340 -7.92 14.88 0.03
N ALA A 341 -6.69 14.38 -0.07
CA ALA A 341 -5.90 14.13 1.14
C ALA A 341 -5.56 15.43 1.87
N GLN A 342 -5.25 16.46 1.09
CA GLN A 342 -4.96 17.78 1.68
C GLN A 342 -6.18 18.33 2.40
N ALA A 343 -7.35 18.18 1.78
CA ALA A 343 -8.55 18.70 2.39
C ALA A 343 -8.87 17.98 3.68
N LEU A 344 -8.63 16.67 3.72
CA LEU A 344 -8.92 15.90 4.92
C LEU A 344 -7.96 16.29 6.06
N LEU A 345 -6.68 16.44 5.77
CA LEU A 345 -5.72 16.90 6.77
C LEU A 345 -6.14 18.23 7.36
N SER A 346 -6.52 19.16 6.49
CA SER A 346 -6.85 20.50 6.96
CA SER A 346 -6.89 20.51 6.91
C SER A 346 -8.08 20.47 7.83
N SER A 347 -9.05 19.65 7.50
CA SER A 347 -10.28 19.63 8.30
C SER A 347 -10.19 18.81 9.57
N ALA A 348 -9.45 17.70 9.55
CA ALA A 348 -9.46 16.78 10.69
C ALA A 348 -8.50 17.16 11.78
N LEU A 349 -7.49 17.96 11.48
CA LEU A 349 -6.45 18.29 12.46
C LEU A 349 -6.31 19.81 12.56
N ALA A 350 -6.14 20.29 13.79
CA ALA A 350 -6.01 21.71 14.05
C ALA A 350 -4.76 22.32 13.40
N HIS B 6 5.36 -1.88 -28.10
CA HIS B 6 4.92 -0.77 -28.99
C HIS B 6 3.50 -0.94 -29.52
N HIS B 7 2.70 0.14 -29.51
CA HIS B 7 1.40 0.20 -30.15
C HIS B 7 1.46 1.20 -31.27
N HIS B 8 1.21 0.75 -32.49
CA HIS B 8 1.29 1.67 -33.65
C HIS B 8 0.20 2.70 -33.67
N MET B 9 -0.95 2.39 -33.08
CA MET B 9 -2.11 3.28 -33.12
C MET B 9 -2.25 4.11 -31.86
N LYS B 10 -2.70 5.36 -32.01
CA LYS B 10 -3.01 6.21 -30.85
C LYS B 10 -4.42 5.86 -30.35
N THR B 11 -4.55 5.42 -29.10
CA THR B 11 -5.85 5.10 -28.55
C THR B 11 -5.95 5.57 -27.10
N THR B 12 -7.17 5.59 -26.57
CA THR B 12 -7.39 5.79 -25.14
C THR B 12 -8.38 4.72 -24.69
N PRO B 13 -8.34 4.28 -23.42
CA PRO B 13 -9.28 3.26 -22.98
C PRO B 13 -10.73 3.72 -23.01
N GLY B 14 -11.61 2.87 -23.51
CA GLY B 14 -13.06 3.10 -23.50
C GLY B 14 -13.71 2.63 -22.23
N PRO B 15 -15.05 2.77 -22.15
CA PRO B 15 -15.77 2.47 -20.92
C PRO B 15 -16.18 1.02 -20.72
N VAL B 16 -16.07 0.16 -21.72
CA VAL B 16 -16.64 -1.18 -21.59
C VAL B 16 -15.59 -2.21 -21.22
N MET B 17 -15.90 -2.94 -20.15
CA MET B 17 -15.16 -4.11 -19.73
C MET B 17 -15.97 -5.33 -20.14
N LEU B 18 -15.39 -6.17 -20.99
CA LEU B 18 -16.06 -7.37 -21.50
C LEU B 18 -15.14 -8.56 -21.31
N ASP B 19 -15.52 -9.72 -21.81
CA ASP B 19 -14.67 -10.90 -21.73
C ASP B 19 -14.36 -11.44 -23.12
N VAL B 20 -13.43 -12.37 -23.16
CA VAL B 20 -13.00 -13.00 -24.42
C VAL B 20 -13.55 -14.40 -24.48
N VAL B 21 -13.52 -15.02 -25.66
CA VAL B 21 -14.26 -16.27 -25.82
C VAL B 21 -13.56 -17.52 -25.28
N GLY B 22 -12.27 -17.45 -25.02
CA GLY B 22 -11.57 -18.65 -24.62
C GLY B 22 -10.18 -18.47 -24.10
N THR B 23 -9.41 -19.55 -24.17
CA THR B 23 -8.09 -19.60 -23.56
C THR B 23 -6.99 -19.03 -24.45
N THR B 24 -7.29 -18.83 -25.72
CA THR B 24 -6.45 -18.07 -26.63
CA THR B 24 -6.45 -18.13 -26.69
C THR B 24 -7.34 -17.11 -27.38
N LEU B 25 -6.80 -15.94 -27.72
CA LEU B 25 -7.60 -14.91 -28.38
CA LEU B 25 -7.55 -14.88 -28.39
C LEU B 25 -7.99 -15.32 -29.80
N SER B 26 -9.23 -15.03 -30.17
CA SER B 26 -9.68 -15.21 -31.57
C SER B 26 -9.66 -13.88 -32.30
N ARG B 27 -9.80 -13.96 -33.64
CA ARG B 27 -9.97 -12.75 -34.49
C ARG B 27 -11.07 -11.83 -34.00
N ASP B 28 -12.17 -12.43 -33.56
CA ASP B 28 -13.32 -11.69 -33.11
C ASP B 28 -13.02 -10.98 -31.78
N ASP B 29 -12.32 -11.64 -30.87
CA ASP B 29 -11.88 -10.96 -29.64
C ASP B 29 -10.98 -9.78 -29.99
N ALA B 30 -10.05 -9.96 -30.93
CA ALA B 30 -9.14 -8.89 -31.29
C ALA B 30 -9.90 -7.68 -31.82
N ARG B 31 -10.96 -7.93 -32.59
CA ARG B 31 -11.78 -6.84 -33.10
C ARG B 31 -12.42 -6.08 -31.95
N ARG B 32 -12.99 -6.81 -30.99
CA ARG B 32 -13.61 -6.14 -29.87
C ARG B 32 -12.60 -5.38 -29.03
N LEU B 33 -11.44 -5.99 -28.77
CA LEU B 33 -10.39 -5.35 -27.96
C LEU B 33 -9.85 -4.03 -28.57
N ALA B 34 -9.91 -3.92 -29.89
CA ALA B 34 -9.47 -2.71 -30.59
C ALA B 34 -10.57 -1.66 -30.74
N HIS B 35 -11.80 -1.98 -30.38
CA HIS B 35 -12.90 -1.05 -30.50
C HIS B 35 -12.66 0.13 -29.58
N PRO B 36 -12.85 1.35 -30.07
CA PRO B 36 -12.66 2.50 -29.17
C PRO B 36 -13.40 2.45 -27.86
N ASN B 37 -14.58 1.85 -27.80
CA ASN B 37 -15.33 1.84 -26.56
C ASN B 37 -14.90 0.74 -25.58
N THR B 38 -13.93 -0.09 -25.94
CA THR B 38 -13.41 -1.10 -25.01
C THR B 38 -12.29 -0.53 -24.14
N GLY B 39 -12.40 -0.75 -22.84
CA GLY B 39 -11.33 -0.41 -21.92
C GLY B 39 -10.81 -1.51 -21.03
N GLY B 40 -11.49 -2.67 -20.98
CA GLY B 40 -11.03 -3.73 -20.13
C GLY B 40 -11.51 -5.10 -20.50
N VAL B 41 -10.85 -6.07 -19.89
CA VAL B 41 -11.20 -7.48 -19.98
C VAL B 41 -11.37 -8.04 -18.56
N ILE B 42 -12.45 -8.75 -18.30
CA ILE B 42 -12.65 -9.53 -17.08
C ILE B 42 -12.51 -11.00 -17.45
N LEU B 43 -11.74 -11.72 -16.65
CA LEU B 43 -11.47 -13.15 -16.85
C LEU B 43 -12.30 -13.96 -15.90
N PHE B 44 -12.70 -15.15 -16.36
CA PHE B 44 -13.44 -16.13 -15.60
C PHE B 44 -12.71 -17.47 -15.61
N ALA B 45 -13.27 -18.45 -14.88
CA ALA B 45 -12.60 -19.76 -14.78
C ALA B 45 -12.37 -20.41 -16.11
N ARG B 46 -13.25 -20.18 -17.07
CA ARG B 46 -13.12 -20.78 -18.40
CA ARG B 46 -13.12 -20.79 -18.39
C ARG B 46 -11.91 -20.26 -19.16
N HIS B 47 -11.35 -19.13 -18.74
CA HIS B 47 -10.15 -18.58 -19.36
C HIS B 47 -8.86 -19.13 -18.81
N PHE B 48 -8.97 -20.04 -17.84
CA PHE B 48 -7.80 -20.60 -17.16
C PHE B 48 -7.64 -22.11 -17.33
N GLN B 49 -6.57 -22.51 -18.00
CA GLN B 49 -6.18 -23.89 -18.09
C GLN B 49 -4.94 -24.14 -17.21
N ASN B 50 -3.93 -23.27 -17.34
CA ASN B 50 -2.73 -23.30 -16.51
C ASN B 50 -2.03 -21.96 -16.59
N ARG B 51 -1.00 -21.76 -15.78
CA ARG B 51 -0.36 -20.46 -15.71
C ARG B 51 0.29 -20.04 -16.99
N ALA B 52 0.95 -20.98 -17.68
CA ALA B 52 1.61 -20.64 -18.93
C ALA B 52 0.60 -20.13 -19.93
N GLN B 53 -0.50 -20.85 -20.08
CA GLN B 53 -1.57 -20.42 -21.00
C GLN B 53 -2.17 -19.06 -20.59
N LEU B 54 -2.42 -18.89 -19.30
CA LEU B 54 -3.01 -17.65 -18.82
C LEU B 54 -2.11 -16.44 -19.06
N THR B 55 -0.83 -16.60 -18.75
CA THR B 55 0.16 -15.53 -18.98
C THR B 55 0.26 -15.18 -20.47
N ALA B 56 0.21 -16.18 -21.36
CA ALA B 56 0.24 -15.91 -22.80
C ALA B 56 -1.03 -15.18 -23.22
N LEU B 57 -2.15 -15.55 -22.63
CA LEU B 57 -3.41 -14.89 -22.96
C LEU B 57 -3.39 -13.43 -22.52
N THR B 58 -2.94 -13.14 -21.30
CA THR B 58 -2.95 -11.74 -20.86
C THR B 58 -1.97 -10.90 -21.67
N ASP B 59 -0.81 -11.48 -21.98
CA ASP B 59 0.17 -10.83 -22.87
C ASP B 59 -0.49 -10.52 -24.21
N SER B 60 -1.22 -11.49 -24.78
CA SER B 60 -1.83 -11.30 -26.10
C SER B 60 -2.89 -10.18 -26.08
N ILE B 61 -3.58 -10.03 -24.95
CA ILE B 61 -4.60 -8.99 -24.79
C ILE B 61 -3.95 -7.61 -24.78
N ARG B 62 -2.89 -7.46 -24.00
CA ARG B 62 -2.16 -6.20 -23.93
C ARG B 62 -1.52 -5.81 -25.25
N ALA B 63 -1.09 -6.80 -26.04
CA ALA B 63 -0.52 -6.56 -27.37
C ALA B 63 -1.55 -5.99 -28.34
N VAL B 64 -2.80 -6.40 -28.24
CA VAL B 64 -3.83 -5.81 -29.10
C VAL B 64 -4.22 -4.39 -28.66
N ARG B 65 -4.31 -4.13 -27.35
CA ARG B 65 -4.78 -2.85 -26.84
C ARG B 65 -3.91 -2.44 -25.64
N GLU B 66 -2.96 -1.52 -25.86
CA GLU B 66 -1.83 -1.41 -24.90
C GLU B 66 -2.21 -0.94 -23.47
N ASP B 67 -3.24 -0.12 -23.40
CA ASP B 67 -3.76 0.50 -22.18
C ASP B 67 -4.95 -0.28 -21.54
N ILE B 68 -5.22 -1.48 -22.03
CA ILE B 68 -6.34 -2.31 -21.52
C ILE B 68 -6.13 -2.66 -20.04
N LEU B 69 -7.24 -2.71 -19.30
CA LEU B 69 -7.23 -3.12 -17.90
C LEU B 69 -7.71 -4.55 -17.84
N ILE B 70 -6.95 -5.43 -17.15
CA ILE B 70 -7.32 -6.85 -17.05
C ILE B 70 -7.66 -7.19 -15.62
N ALA B 71 -8.89 -7.63 -15.39
CA ALA B 71 -9.42 -7.87 -14.04
C ALA B 71 -9.94 -9.29 -13.88
N VAL B 72 -10.12 -9.69 -12.62
CA VAL B 72 -10.71 -11.00 -12.28
C VAL B 72 -11.40 -10.88 -10.91
N ASP B 73 -12.37 -11.73 -10.66
CA ASP B 73 -12.95 -11.87 -9.31
C ASP B 73 -12.13 -12.90 -8.52
N HIS B 74 -11.13 -12.39 -7.80
CA HIS B 74 -10.38 -13.16 -6.77
C HIS B 74 -10.70 -12.59 -5.43
N GLU B 75 -11.72 -13.13 -4.81
CA GLU B 75 -12.09 -12.76 -3.44
C GLU B 75 -11.56 -13.74 -2.43
N GLY B 76 -11.55 -15.02 -2.79
CA GLY B 76 -11.29 -16.09 -1.81
C GLY B 76 -12.57 -16.81 -1.54
N GLY B 77 -12.46 -18.00 -0.97
CA GLY B 77 -13.65 -18.80 -0.67
C GLY B 77 -14.42 -19.18 -1.89
N ARG B 78 -15.68 -18.80 -1.96
CA ARG B 78 -16.56 -19.19 -3.05
C ARG B 78 -16.32 -18.44 -4.37
N VAL B 79 -15.56 -17.35 -4.32
CA VAL B 79 -15.29 -16.54 -5.48
C VAL B 79 -13.78 -16.46 -5.70
N GLN B 80 -13.28 -17.39 -6.50
CA GLN B 80 -11.87 -17.40 -6.89
C GLN B 80 -11.74 -18.20 -8.17
N ARG B 81 -11.48 -17.50 -9.26
CA ARG B 81 -11.52 -18.15 -10.56
C ARG B 81 -10.38 -19.12 -10.82
N PHE B 82 -9.17 -18.80 -10.38
CA PHE B 82 -7.96 -19.61 -10.65
C PHE B 82 -7.51 -20.27 -9.34
N ARG B 83 -7.58 -21.60 -9.29
CA ARG B 83 -7.36 -22.36 -8.04
C ARG B 83 -6.38 -23.52 -8.21
N THR B 84 -5.76 -23.62 -9.38
CA THR B 84 -4.88 -24.76 -9.68
C THR B 84 -3.56 -24.26 -10.28
N ASP B 85 -2.68 -25.20 -10.61
CA ASP B 85 -1.36 -24.93 -11.16
C ASP B 85 -0.53 -23.97 -10.34
N GLY B 86 -0.67 -24.08 -9.01
CA GLY B 86 0.10 -23.29 -8.08
C GLY B 86 -0.65 -22.16 -7.43
N PHE B 87 -1.78 -21.70 -8.00
CA PHE B 87 -2.55 -20.67 -7.31
C PHE B 87 -2.91 -21.13 -5.93
N THR B 88 -2.80 -20.22 -4.96
CA THR B 88 -3.15 -20.52 -3.61
C THR B 88 -4.64 -20.34 -3.45
N VAL B 89 -5.30 -21.37 -2.94
CA VAL B 89 -6.72 -21.30 -2.60
C VAL B 89 -6.88 -20.47 -1.37
N LEU B 90 -7.59 -19.34 -1.49
CA LEU B 90 -7.68 -18.37 -0.41
C LEU B 90 -8.94 -18.58 0.41
N PRO B 91 -8.91 -18.18 1.69
CA PRO B 91 -10.08 -18.33 2.52
C PRO B 91 -11.23 -17.42 2.12
N ALA B 92 -12.44 -17.82 2.50
CA ALA B 92 -13.57 -16.91 2.45
C ALA B 92 -13.27 -15.75 3.39
N MET B 93 -13.65 -14.54 3.00
CA MET B 93 -13.36 -13.38 3.86
C MET B 93 -14.00 -13.47 5.24
N ARG B 94 -15.12 -14.18 5.35
CA ARG B 94 -15.72 -14.43 6.66
C ARG B 94 -14.71 -15.02 7.64
N ARG B 95 -13.77 -15.85 7.16
CA ARG B 95 -12.75 -16.45 8.05
C ARG B 95 -11.86 -15.40 8.73
N LEU B 96 -11.62 -14.29 8.05
CA LEU B 96 -10.81 -13.23 8.63
C LEU B 96 -11.58 -12.51 9.74
N GLY B 97 -12.88 -12.32 9.56
CA GLY B 97 -13.70 -11.79 10.65
C GLY B 97 -13.78 -12.70 11.87
N GLU B 98 -13.79 -14.00 11.65
CA GLU B 98 -13.78 -14.96 12.77
C GLU B 98 -12.46 -14.90 13.52
N LEU B 99 -11.36 -14.80 12.76
CA LEU B 99 -10.06 -14.64 13.38
C LEU B 99 -10.00 -13.35 14.19
N TRP B 100 -10.53 -12.27 13.63
CA TRP B 100 -10.60 -10.98 14.37
C TRP B 100 -11.26 -11.11 15.72
N ASP B 101 -12.35 -11.87 15.75
CA ASP B 101 -13.10 -12.10 16.99
C ASP B 101 -12.28 -12.85 18.06
N ARG B 102 -11.23 -13.58 17.65
CA ARG B 102 -10.28 -14.20 18.59
C ARG B 102 -9.04 -13.34 18.89
N ASP B 103 -8.54 -12.64 17.89
CA ASP B 103 -7.26 -11.88 17.98
C ASP B 103 -7.28 -10.79 16.89
N VAL B 104 -7.62 -9.56 17.29
CA VAL B 104 -7.77 -8.45 16.34
C VAL B 104 -6.47 -8.19 15.59
N LEU B 105 -5.37 -8.08 16.33
CA LEU B 105 -4.12 -7.67 15.71
C LEU B 105 -3.62 -8.76 14.75
N LEU B 106 -3.69 -10.03 15.17
CA LEU B 106 -3.32 -11.15 14.29
C LEU B 106 -4.14 -11.15 13.00
N ALA B 107 -5.45 -10.94 13.12
CA ALA B 107 -6.33 -10.86 11.96
C ALA B 107 -5.86 -9.82 10.96
N THR B 108 -5.45 -8.65 11.45
CA THR B 108 -4.98 -7.60 10.51
C THR B 108 -3.70 -8.02 9.78
N LYS B 109 -2.81 -8.71 10.49
CA LYS B 109 -1.54 -9.21 9.94
C LYS B 109 -1.86 -10.26 8.87
N VAL B 110 -2.77 -11.19 9.21
CA VAL B 110 -3.19 -12.25 8.24
C VAL B 110 -3.90 -11.66 6.99
N ALA B 111 -4.74 -10.63 7.19
CA ALA B 111 -5.42 -10.00 6.08
C ALA B 111 -4.42 -9.44 5.06
N THR B 112 -3.36 -8.80 5.56
CA THR B 112 -2.34 -8.28 4.65
C THR B 112 -1.63 -9.41 3.92
N ALA B 113 -1.34 -10.51 4.62
CA ALA B 113 -0.68 -11.65 4.02
C ALA B 113 -1.53 -12.22 2.88
N VAL B 114 -2.82 -12.37 3.16
CA VAL B 114 -3.77 -12.87 2.12
C VAL B 114 -3.77 -11.92 0.90
N GLY B 115 -3.85 -10.62 1.14
CA GLY B 115 -3.83 -9.63 0.04
C GLY B 115 -2.58 -9.71 -0.80
N TYR B 116 -1.45 -9.86 -0.13
CA TYR B 116 -0.17 -9.89 -0.82
C TYR B 116 -0.09 -11.17 -1.71
N ILE B 117 -0.46 -12.32 -1.16
CA ILE B 117 -0.46 -13.57 -1.93
C ILE B 117 -1.40 -13.44 -3.15
N LEU B 118 -2.59 -12.94 -2.89
CA LEU B 118 -3.63 -12.81 -3.91
C LEU B 118 -3.12 -11.97 -5.06
N ALA B 119 -2.63 -10.78 -4.74
CA ALA B 119 -2.15 -9.89 -5.77
C ALA B 119 -0.89 -10.38 -6.46
N ALA B 120 0.08 -10.90 -5.71
CA ALA B 120 1.36 -11.31 -6.29
C ALA B 120 1.18 -12.44 -7.31
N GLU B 121 0.31 -13.38 -6.97
CA GLU B 121 0.03 -14.50 -7.88
C GLU B 121 -0.61 -14.02 -9.18
N LEU B 122 -1.57 -13.10 -9.06
CA LEU B 122 -2.17 -12.52 -10.25
C LEU B 122 -1.18 -11.71 -11.06
N ARG B 123 -0.34 -10.91 -10.39
CA ARG B 123 0.67 -10.12 -11.12
C ARG B 123 1.61 -11.02 -11.90
N ALA B 124 1.98 -12.17 -11.33
CA ALA B 124 2.88 -13.10 -12.00
C ALA B 124 2.28 -13.62 -13.30
N CYS B 125 0.96 -13.56 -13.43
CA CYS B 125 0.28 -14.01 -14.65
C CYS B 125 -0.25 -12.87 -15.50
N GLY B 126 0.16 -11.65 -15.16
CA GLY B 126 -0.13 -10.49 -16.01
C GLY B 126 -1.51 -9.87 -15.86
N ILE B 127 -2.12 -10.01 -14.69
CA ILE B 127 -3.45 -9.46 -14.41
C ILE B 127 -3.25 -8.17 -13.60
N ASP B 128 -4.03 -7.14 -13.92
CA ASP B 128 -3.94 -5.87 -13.19
C ASP B 128 -4.58 -5.88 -11.81
N MET B 129 -5.75 -6.45 -11.67
CA MET B 129 -6.53 -6.23 -10.47
C MET B 129 -7.55 -7.31 -10.23
N SER B 130 -7.95 -7.40 -8.98
CA SER B 130 -9.09 -8.21 -8.57
C SER B 130 -10.23 -7.34 -8.07
N PHE B 131 -11.48 -7.73 -8.36
CA PHE B 131 -12.67 -7.07 -7.80
C PHE B 131 -12.91 -7.57 -6.38
N THR B 132 -12.10 -7.04 -5.47
CA THR B 132 -12.15 -7.30 -4.05
C THR B 132 -11.66 -6.00 -3.40
N PRO B 133 -12.13 -5.64 -2.18
CA PRO B 133 -12.90 -6.37 -1.18
C PRO B 133 -14.41 -6.17 -1.25
N VAL B 134 -15.11 -7.21 -0.87
CA VAL B 134 -16.52 -7.08 -0.47
C VAL B 134 -16.59 -6.31 0.83
N LEU B 135 -17.30 -5.18 0.82
CA LEU B 135 -17.52 -4.35 2.01
C LEU B 135 -18.96 -4.51 2.54
N ASP B 136 -19.72 -5.41 1.92
CA ASP B 136 -21.08 -5.73 2.38
C ASP B 136 -21.01 -6.23 3.82
N LEU B 137 -21.97 -5.83 4.65
CA LEU B 137 -21.97 -6.29 6.04
C LEU B 137 -22.69 -7.64 6.18
N ASP B 138 -22.19 -8.49 7.09
CA ASP B 138 -22.78 -9.81 7.29
C ASP B 138 -23.98 -9.75 8.23
N TYR B 139 -25.12 -9.33 7.70
CA TYR B 139 -26.39 -9.38 8.47
C TYR B 139 -26.94 -10.79 8.57
N GLY B 140 -26.46 -11.70 7.72
CA GLY B 140 -27.02 -13.04 7.63
C GLY B 140 -28.30 -13.07 6.80
N HIS B 141 -28.53 -12.03 6.00
CA HIS B 141 -29.76 -11.90 5.20
C HIS B 141 -29.58 -12.32 3.77
N SER B 142 -28.37 -12.14 3.27
CA SER B 142 -28.08 -12.29 1.83
C SER B 142 -27.35 -13.59 1.50
N LYS B 143 -27.98 -14.50 0.77
CA LYS B 143 -27.30 -15.74 0.31
C LYS B 143 -26.23 -15.39 -0.71
N VAL B 144 -26.55 -14.51 -1.65
CA VAL B 144 -25.56 -14.18 -2.68
C VAL B 144 -24.26 -13.66 -2.06
N ILE B 145 -24.37 -12.88 -0.98
CA ILE B 145 -23.14 -12.45 -0.27
C ILE B 145 -22.63 -13.55 0.66
N GLY B 146 -23.40 -13.93 1.67
CA GLY B 146 -22.97 -15.01 2.53
C GLY B 146 -21.58 -14.81 3.12
N ASP B 147 -20.78 -15.86 3.05
CA ASP B 147 -19.43 -15.85 3.63
C ASP B 147 -18.41 -15.00 2.88
N ARG B 148 -18.87 -14.32 1.84
CA ARG B 148 -18.05 -13.31 1.15
C ARG B 148 -17.85 -12.04 1.98
N ALA B 149 -18.70 -11.82 2.98
CA ALA B 149 -18.57 -10.63 3.85
C ALA B 149 -17.59 -10.93 4.98
N PHE B 150 -16.80 -9.92 5.33
CA PHE B 150 -15.80 -10.08 6.40
C PHE B 150 -16.42 -10.30 7.77
N HIS B 151 -17.50 -9.57 8.05
CA HIS B 151 -17.99 -9.37 9.43
C HIS B 151 -19.29 -8.61 9.40
N ARG B 152 -20.03 -8.66 10.51
CA ARG B 152 -21.22 -7.84 10.69
C ARG B 152 -20.92 -6.34 10.91
N ASP B 153 -19.86 -6.05 11.66
CA ASP B 153 -19.60 -4.71 12.18
C ASP B 153 -18.84 -3.91 11.13
N PRO B 154 -19.37 -2.75 10.71
CA PRO B 154 -18.70 -1.97 9.66
C PRO B 154 -17.30 -1.50 10.05
N ARG B 155 -17.04 -1.32 11.34
CA ARG B 155 -15.68 -0.92 11.74
C ARG B 155 -14.69 -2.06 11.51
N VAL B 156 -15.15 -3.30 11.73
CA VAL B 156 -14.31 -4.48 11.54
C VAL B 156 -14.12 -4.73 10.05
N VAL B 157 -15.20 -4.67 9.30
CA VAL B 157 -15.10 -4.75 7.83
C VAL B 157 -14.08 -3.74 7.32
N THR B 158 -14.17 -2.49 7.77
CA THR B 158 -13.24 -1.45 7.29
C THR B 158 -11.78 -1.82 7.56
N LEU B 159 -11.45 -2.19 8.77
CA LEU B 159 -10.05 -2.40 9.11
C LEU B 159 -9.49 -3.70 8.54
N LEU B 160 -10.31 -4.76 8.44
CA LEU B 160 -9.85 -5.96 7.74
C LEU B 160 -9.66 -5.68 6.25
N ALA B 161 -10.65 -5.05 5.62
CA ALA B 161 -10.54 -4.73 4.18
C ALA B 161 -9.36 -3.81 3.93
N LYS B 162 -9.14 -2.84 4.82
CA LYS B 162 -7.99 -1.93 4.71
C LYS B 162 -6.68 -2.72 4.74
N SER B 163 -6.59 -3.67 5.66
CA SER B 163 -5.38 -4.48 5.78
C SER B 163 -5.21 -5.37 4.55
N LEU B 164 -6.31 -5.92 4.03
CA LEU B 164 -6.25 -6.66 2.76
C LEU B 164 -5.71 -5.76 1.65
N ASN B 165 -6.31 -4.60 1.51
CA ASN B 165 -5.92 -3.67 0.44
C ASN B 165 -4.45 -3.23 0.57
N HIS B 166 -3.94 -3.16 1.79
CA HIS B 166 -2.52 -2.87 2.01
C HIS B 166 -1.68 -3.99 1.40
N GLY B 167 -2.05 -5.26 1.67
CA GLY B 167 -1.38 -6.40 1.03
C GLY B 167 -1.39 -6.35 -0.50
N LEU B 168 -2.56 -6.05 -1.06
CA LEU B 168 -2.65 -5.87 -2.51
C LEU B 168 -1.68 -4.78 -2.99
N SER B 169 -1.63 -3.66 -2.26
CA SER B 169 -0.76 -2.53 -2.65
C SER B 169 0.71 -2.87 -2.57
N LEU B 170 1.10 -3.79 -1.66
CA LEU B 170 2.51 -4.22 -1.58
C LEU B 170 2.99 -4.90 -2.88
N ALA B 171 2.05 -5.46 -3.62
CA ALA B 171 2.34 -6.07 -4.91
C ALA B 171 1.97 -5.15 -6.06
N GLY B 172 1.67 -3.88 -5.77
CA GLY B 172 1.40 -2.91 -6.83
C GLY B 172 -0.02 -2.98 -7.37
N MET B 173 -0.94 -3.60 -6.64
CA MET B 173 -2.30 -3.81 -7.11
C MET B 173 -3.28 -2.91 -6.38
N ALA B 174 -4.24 -2.39 -7.13
CA ALA B 174 -5.34 -1.63 -6.62
C ALA B 174 -6.42 -2.55 -6.02
N ASN B 175 -7.64 -2.07 -5.95
CA ASN B 175 -8.73 -2.80 -5.26
C ASN B 175 -10.06 -2.22 -5.72
N CYS B 176 -11.16 -2.86 -5.35
CA CYS B 176 -12.49 -2.38 -5.72
C CYS B 176 -13.48 -2.79 -4.68
N GLY B 177 -13.99 -1.84 -3.90
CA GLY B 177 -14.99 -2.14 -2.85
C GLY B 177 -16.35 -2.40 -3.46
N LYS B 178 -17.09 -3.36 -2.92
CA LYS B 178 -18.40 -3.69 -3.52
C LYS B 178 -19.32 -4.28 -2.45
N HIS B 179 -20.65 -4.16 -2.57
CA HIS B 179 -21.39 -3.62 -3.71
C HIS B 179 -22.14 -2.43 -3.16
N PHE B 180 -21.69 -1.22 -3.51
CA PHE B 180 -22.09 0.05 -2.88
C PHE B 180 -23.56 0.40 -3.19
N PRO B 181 -24.35 0.89 -2.20
CA PRO B 181 -24.05 1.24 -0.81
C PRO B 181 -24.19 0.10 0.19
N GLY B 182 -24.40 -1.14 -0.29
CA GLY B 182 -24.38 -2.30 0.57
C GLY B 182 -25.42 -3.33 0.13
N HIS B 183 -24.93 -4.53 -0.17
CA HIS B 183 -25.75 -5.65 -0.58
C HIS B 183 -26.06 -6.59 0.56
N GLY B 184 -25.54 -6.34 1.75
CA GLY B 184 -25.71 -7.28 2.86
C GLY B 184 -27.05 -7.32 3.55
N PHE B 185 -27.84 -6.25 3.48
CA PHE B 185 -29.13 -6.22 4.20
C PHE B 185 -30.28 -6.81 3.40
N ALA B 186 -30.31 -6.54 2.09
CA ALA B 186 -31.37 -7.03 1.20
C ALA B 186 -31.32 -8.54 1.08
N GLU B 187 -32.49 -9.16 0.89
CA GLU B 187 -32.56 -10.61 0.75
C GLU B 187 -32.19 -11.15 -0.62
N ALA B 188 -32.71 -10.54 -1.67
CA ALA B 188 -32.66 -11.15 -3.00
C ALA B 188 -31.28 -11.13 -3.65
N ASP B 189 -31.09 -12.06 -4.59
CA ASP B 189 -29.87 -12.19 -5.41
C ASP B 189 -30.02 -11.39 -6.71
N SER B 190 -29.18 -10.36 -6.85
CA SER B 190 -29.25 -9.47 -8.01
C SER B 190 -28.89 -10.16 -9.36
N HIS B 191 -28.32 -11.37 -9.31
CA HIS B 191 -28.09 -12.17 -10.53
C HIS B 191 -29.37 -12.59 -11.19
N VAL B 192 -30.40 -12.89 -10.38
CA VAL B 192 -31.65 -13.48 -10.87
C VAL B 192 -32.94 -12.70 -10.52
N ALA B 193 -32.80 -11.59 -9.81
CA ALA B 193 -33.97 -10.87 -9.28
C ALA B 193 -33.57 -9.43 -8.99
N LEU B 194 -34.55 -8.57 -8.76
CA LEU B 194 -34.27 -7.16 -8.41
C LEU B 194 -34.43 -6.96 -6.89
N PRO B 195 -33.32 -6.97 -6.13
CA PRO B 195 -33.50 -6.87 -4.68
C PRO B 195 -33.87 -5.44 -4.26
N THR B 196 -34.59 -5.33 -3.13
CA THR B 196 -34.94 -4.04 -2.56
C THR B 196 -34.44 -3.98 -1.12
N ASP B 197 -34.21 -2.77 -0.66
CA ASP B 197 -33.76 -2.48 0.68
C ASP B 197 -34.55 -1.27 1.11
N ASP B 198 -35.40 -1.43 2.13
CA ASP B 198 -36.33 -0.37 2.53
C ASP B 198 -35.87 0.52 3.69
N ARG B 199 -34.58 0.49 4.04
CA ARG B 199 -34.10 1.29 5.16
C ARG B 199 -34.01 2.77 4.81
N THR B 200 -34.00 3.61 5.83
CA THR B 200 -33.81 5.06 5.62
C THR B 200 -32.37 5.35 5.15
N LEU B 201 -32.18 6.52 4.53
CA LEU B 201 -30.83 6.91 4.13
C LEU B 201 -29.91 6.95 5.36
N ASP B 202 -30.39 7.50 6.47
CA ASP B 202 -29.54 7.62 7.65
C ASP B 202 -29.07 6.24 8.15
N ALA B 203 -29.96 5.25 8.13
CA ALA B 203 -29.60 3.89 8.54
C ALA B 203 -28.52 3.30 7.62
N ILE B 204 -28.69 3.49 6.31
CA ILE B 204 -27.74 2.98 5.30
C ILE B 204 -26.40 3.68 5.43
N LEU B 205 -26.40 4.99 5.67
CA LEU B 205 -25.15 5.75 5.83
C LEU B 205 -24.41 5.36 7.13
N GLU B 206 -25.17 5.10 8.18
CA GLU B 206 -24.64 4.83 9.52
C GLU B 206 -23.79 3.57 9.57
N GLN B 207 -24.18 2.56 8.80
CA GLN B 207 -23.57 1.25 8.88
C GLN B 207 -22.99 0.84 7.53
N ASP B 208 -23.84 0.54 6.56
CA ASP B 208 -23.37 -0.08 5.31
C ASP B 208 -22.41 0.79 4.48
N VAL B 209 -22.63 2.10 4.48
CA VAL B 209 -21.78 2.99 3.68
C VAL B 209 -20.49 3.37 4.42
N ALA B 210 -20.50 3.24 5.75
CA ALA B 210 -19.37 3.68 6.57
C ALA B 210 -18.00 3.15 6.12
N PRO B 211 -17.89 1.88 5.70
CA PRO B 211 -16.54 1.47 5.23
C PRO B 211 -16.03 2.29 4.04
N TYR B 212 -16.91 2.66 3.14
CA TYR B 212 -16.50 3.46 1.95
C TYR B 212 -15.97 4.83 2.37
N ASP B 213 -16.62 5.44 3.34
CA ASP B 213 -16.20 6.71 3.91
C ASP B 213 -14.89 6.58 4.66
N TRP B 214 -14.79 5.57 5.52
CA TRP B 214 -13.62 5.46 6.39
C TRP B 214 -12.37 5.01 5.67
N LEU B 215 -12.48 4.26 4.58
CA LEU B 215 -11.27 3.79 3.89
C LEU B 215 -10.48 4.91 3.25
N GLY B 216 -11.13 6.00 2.84
CA GLY B 216 -10.37 7.08 2.23
C GLY B 216 -9.61 6.60 1.02
N LEU B 217 -8.33 6.98 0.96
CA LEU B 217 -7.49 6.63 -0.20
C LEU B 217 -7.18 5.18 -0.32
N SER B 218 -7.43 4.41 0.73
CA SER B 218 -7.27 2.95 0.74
CA SER B 218 -7.20 2.99 0.61
C SER B 218 -8.31 2.25 -0.13
N LEU B 219 -9.35 2.96 -0.56
CA LEU B 219 -10.39 2.45 -1.47
C LEU B 219 -10.09 3.03 -2.87
N ALA B 220 -9.76 2.16 -3.83
CA ALA B 220 -9.34 2.61 -5.18
C ALA B 220 -10.47 2.74 -6.19
N ALA B 221 -11.54 1.97 -5.97
CA ALA B 221 -12.63 1.86 -6.90
C ALA B 221 -13.84 1.29 -6.18
N VAL B 222 -15.01 1.38 -6.83
CA VAL B 222 -16.26 0.86 -6.28
C VAL B 222 -17.06 0.18 -7.39
N ILE B 223 -17.73 -0.92 -7.06
CA ILE B 223 -18.87 -1.46 -7.86
C ILE B 223 -20.14 -1.21 -7.08
N PRO B 224 -21.10 -0.47 -7.67
CA PRO B 224 -22.42 -0.32 -7.03
C PRO B 224 -23.30 -1.56 -7.15
N ALA B 225 -24.10 -1.82 -6.12
CA ALA B 225 -25.10 -2.88 -6.13
C ALA B 225 -26.23 -2.58 -7.10
N HIS B 226 -26.73 -3.62 -7.78
CA HIS B 226 -28.00 -3.51 -8.50
C HIS B 226 -29.13 -3.74 -7.52
N VAL B 227 -29.25 -2.89 -6.51
CA VAL B 227 -30.28 -2.99 -5.49
C VAL B 227 -31.02 -1.65 -5.46
N ILE B 228 -32.35 -1.71 -5.30
CA ILE B 228 -33.16 -0.51 -5.15
C ILE B 228 -33.33 -0.21 -3.66
N TYR B 229 -32.89 0.98 -3.28
CA TYR B 229 -33.01 1.49 -1.91
C TYR B 229 -34.20 2.44 -1.93
N THR B 230 -35.36 1.89 -1.58
CA THR B 230 -36.64 2.50 -1.92
C THR B 230 -36.86 3.85 -1.27
N GLN B 231 -36.24 4.08 -0.12
CA GLN B 231 -36.35 5.38 0.57
C GLN B 231 -35.47 6.48 0.00
N VAL B 232 -34.56 6.14 -0.92
CA VAL B 232 -33.53 7.07 -1.40
C VAL B 232 -33.69 7.38 -2.88
N ASP B 233 -33.90 6.34 -3.68
CA ASP B 233 -34.06 6.47 -5.12
C ASP B 233 -34.73 5.21 -5.67
N LYS B 234 -35.65 5.40 -6.64
CA LYS B 234 -36.35 4.27 -7.26
C LYS B 234 -35.47 3.49 -8.24
N ARG B 235 -34.32 4.09 -8.58
CA ARG B 235 -33.35 3.45 -9.45
C ARG B 235 -32.36 2.61 -8.63
N PRO B 236 -31.96 1.45 -9.17
CA PRO B 236 -30.82 0.68 -8.62
C PRO B 236 -29.59 1.56 -8.53
N ALA B 237 -28.73 1.25 -7.56
CA ALA B 237 -27.66 2.20 -7.20
C ALA B 237 -26.72 2.52 -8.38
N GLY B 238 -26.42 1.54 -9.23
CA GLY B 238 -25.51 1.76 -10.35
C GLY B 238 -26.07 2.61 -11.48
N PHE B 239 -27.40 2.80 -11.46
CA PHE B 239 -28.10 3.71 -12.37
C PHE B 239 -28.59 5.00 -11.68
N SER B 240 -28.13 5.24 -10.45
CA SER B 240 -28.65 6.34 -9.61
C SER B 240 -27.62 7.47 -9.48
N ARG B 241 -27.94 8.65 -10.02
CA ARG B 241 -27.07 9.82 -9.81
C ARG B 241 -27.12 10.27 -8.33
N VAL B 242 -28.20 9.97 -7.63
CA VAL B 242 -28.28 10.28 -6.21
C VAL B 242 -27.22 9.47 -5.47
N TRP B 243 -27.19 8.16 -5.66
CA TRP B 243 -26.15 7.35 -4.99
C TRP B 243 -24.76 7.66 -5.46
N LEU B 244 -24.55 7.77 -6.77
CA LEU B 244 -23.19 7.91 -7.29
C LEU B 244 -22.64 9.31 -7.24
N GLN B 245 -23.46 10.32 -7.55
CA GLN B 245 -22.99 11.71 -7.51
C GLN B 245 -23.25 12.34 -6.15
N ASP B 246 -24.47 12.25 -5.64
CA ASP B 246 -24.77 13.01 -4.42
C ASP B 246 -24.12 12.40 -3.19
N ILE B 247 -24.13 11.08 -3.08
CA ILE B 247 -23.53 10.41 -1.94
C ILE B 247 -22.06 10.06 -2.18
N LEU B 248 -21.75 9.31 -3.23
CA LEU B 248 -20.37 8.80 -3.35
C LEU B 248 -19.36 9.85 -3.80
N ARG B 249 -19.59 10.51 -4.94
CA ARG B 249 -18.68 11.56 -5.40
C ARG B 249 -18.79 12.81 -4.53
N GLY B 250 -20.01 13.09 -4.08
CA GLY B 250 -20.30 14.36 -3.38
C GLY B 250 -20.01 14.27 -1.90
N LYS B 251 -20.91 13.66 -1.15
CA LYS B 251 -20.75 13.58 0.28
C LYS B 251 -19.42 12.96 0.68
N LEU B 252 -19.07 11.84 0.06
CA LEU B 252 -17.88 11.08 0.42
C LEU B 252 -16.61 11.56 -0.29
N GLY B 253 -16.75 12.37 -1.32
CA GLY B 253 -15.60 12.94 -2.02
C GLY B 253 -14.78 11.90 -2.75
N PHE B 254 -15.43 10.83 -3.17
CA PHE B 254 -14.69 9.71 -3.77
C PHE B 254 -14.18 10.09 -5.15
N THR B 255 -12.90 9.81 -5.43
CA THR B 255 -12.25 10.19 -6.70
C THR B 255 -11.76 9.01 -7.54
N GLY B 256 -12.00 7.79 -7.07
CA GLY B 256 -11.59 6.58 -7.78
C GLY B 256 -12.55 6.15 -8.87
N ALA B 257 -12.20 5.06 -9.55
CA ALA B 257 -13.05 4.54 -10.62
C ALA B 257 -14.33 3.89 -10.06
N ILE B 258 -15.42 4.05 -10.82
CA ILE B 258 -16.68 3.36 -10.52
C ILE B 258 -16.96 2.41 -11.69
N PHE B 259 -17.11 1.13 -11.37
CA PHE B 259 -17.41 0.09 -12.36
C PHE B 259 -18.85 -0.34 -12.10
N SER B 260 -19.71 -0.38 -13.13
CA SER B 260 -21.04 -0.97 -12.94
C SER B 260 -20.88 -2.44 -12.54
N ASP B 261 -21.83 -2.94 -11.76
CA ASP B 261 -21.92 -4.41 -11.63
C ASP B 261 -22.34 -4.98 -12.99
N ASP B 262 -22.22 -6.28 -13.14
CA ASP B 262 -22.44 -6.91 -14.44
C ASP B 262 -23.82 -6.57 -15.00
N LEU B 263 -23.85 -5.95 -16.18
CA LEU B 263 -25.11 -5.55 -16.82
C LEU B 263 -25.90 -6.72 -17.38
N SER B 264 -25.25 -7.88 -17.50
CA SER B 264 -25.94 -9.12 -17.85
C SER B 264 -26.84 -9.68 -16.76
N MET B 265 -26.70 -9.18 -15.54
CA MET B 265 -27.51 -9.65 -14.39
C MET B 265 -28.95 -9.24 -14.54
N GLU B 266 -29.84 -10.05 -13.98
CA GLU B 266 -31.29 -9.79 -14.11
C GLU B 266 -31.72 -8.44 -13.53
N ALA B 267 -31.13 -8.07 -12.38
CA ALA B 267 -31.42 -6.78 -11.77
C ALA B 267 -31.12 -5.62 -12.73
N ALA B 268 -30.08 -5.76 -13.57
CA ALA B 268 -29.70 -4.67 -14.48
C ALA B 268 -30.74 -4.41 -15.58
N ARG B 269 -31.69 -5.32 -15.75
CA ARG B 269 -32.74 -5.14 -16.74
C ARG B 269 -33.71 -4.01 -16.35
N GLU B 270 -33.69 -3.60 -15.09
CA GLU B 270 -34.41 -2.40 -14.66
C GLU B 270 -33.76 -1.17 -15.29
N THR B 273 -32.48 -2.53 -22.16
CA THR B 273 -31.51 -3.27 -22.97
C THR B 273 -30.10 -3.10 -22.43
N LEU B 274 -29.17 -3.92 -22.91
CA LEU B 274 -27.79 -3.82 -22.44
C LEU B 274 -27.20 -2.45 -22.76
N THR B 275 -27.41 -1.96 -24.01
CA THR B 275 -26.86 -0.67 -24.43
C THR B 275 -27.48 0.48 -23.63
N GLN B 276 -28.80 0.44 -23.45
CA GLN B 276 -29.48 1.44 -22.63
C GLN B 276 -29.02 1.43 -21.19
N ALA B 277 -28.87 0.22 -20.64
CA ALA B 277 -28.37 0.05 -19.27
C ALA B 277 -26.95 0.61 -19.12
N ALA B 278 -26.10 0.35 -20.11
CA ALA B 278 -24.74 0.85 -20.08
C ALA B 278 -24.75 2.37 -20.11
N ASP B 279 -25.53 2.92 -21.03
CA ASP B 279 -25.62 4.37 -21.11
C ASP B 279 -26.19 4.97 -19.82
N ALA B 280 -27.13 4.30 -19.19
CA ALA B 280 -27.70 4.79 -17.93
C ALA B 280 -26.68 4.73 -16.79
N ALA B 281 -25.92 3.66 -16.74
CA ALA B 281 -24.87 3.50 -15.74
C ALA B 281 -23.79 4.56 -15.90
N LEU B 282 -23.32 4.74 -17.12
CA LEU B 282 -22.29 5.78 -17.37
C LEU B 282 -22.82 7.19 -17.11
N ALA B 283 -24.06 7.47 -17.53
CA ALA B 283 -24.65 8.78 -17.21
C ALA B 283 -24.77 9.05 -15.70
N ALA B 284 -25.09 8.01 -14.94
CA ALA B 284 -25.28 8.14 -13.49
C ALA B 284 -23.95 8.39 -12.76
N GLY B 285 -22.84 7.97 -13.37
CA GLY B 285 -21.53 8.15 -12.74
C GLY B 285 -20.53 7.02 -12.88
N CYS B 286 -20.89 5.90 -13.48
CA CYS B 286 -19.91 4.83 -13.65
C CYS B 286 -18.86 5.28 -14.69
N ASP B 287 -17.60 4.94 -14.45
CA ASP B 287 -16.53 5.19 -15.44
C ASP B 287 -16.37 4.04 -16.43
N MET B 288 -16.74 2.85 -15.98
CA MET B 288 -16.68 1.65 -16.78
CA MET B 288 -16.70 1.63 -16.78
C MET B 288 -17.91 0.81 -16.52
N VAL B 289 -18.35 0.10 -17.55
CA VAL B 289 -19.46 -0.84 -17.36
C VAL B 289 -18.98 -2.25 -17.66
N LEU B 290 -19.43 -3.20 -16.84
CA LEU B 290 -19.17 -4.62 -17.04
C LEU B 290 -20.29 -5.25 -17.85
N VAL B 291 -19.92 -5.94 -18.94
CA VAL B 291 -20.83 -6.77 -19.71
C VAL B 291 -20.24 -8.17 -19.85
N CYS B 292 -20.73 -9.09 -19.01
CA CYS B 292 -20.12 -10.41 -18.89
C CYS B 292 -20.92 -11.53 -19.57
N ASN B 293 -20.18 -12.50 -20.10
CA ASN B 293 -20.73 -13.77 -20.58
C ASN B 293 -21.64 -13.66 -21.82
N GLN B 294 -21.45 -12.61 -22.62
CA GLN B 294 -22.15 -12.53 -23.92
C GLN B 294 -21.44 -11.53 -24.82
N PRO B 295 -20.29 -11.95 -25.34
CA PRO B 295 -19.42 -11.05 -26.09
C PRO B 295 -20.05 -10.43 -27.31
N ASP B 296 -20.92 -11.16 -28.01
CA ASP B 296 -21.61 -10.58 -29.16
C ASP B 296 -22.58 -9.49 -28.73
N ALA B 297 -23.26 -9.69 -27.62
CA ALA B 297 -24.13 -8.66 -27.10
C ALA B 297 -23.31 -7.46 -26.60
N ALA B 298 -22.14 -7.73 -26.03
CA ALA B 298 -21.21 -6.65 -25.62
C ALA B 298 -20.77 -5.83 -26.84
N GLU B 299 -20.56 -6.50 -27.95
CA GLU B 299 -20.14 -5.82 -29.17
C GLU B 299 -21.27 -4.92 -29.75
N VAL B 300 -22.54 -5.33 -29.61
CA VAL B 300 -23.69 -4.44 -29.91
C VAL B 300 -23.63 -3.20 -29.02
N VAL B 301 -23.30 -3.38 -27.74
CA VAL B 301 -23.15 -2.23 -26.85
C VAL B 301 -22.00 -1.34 -27.34
N LEU B 302 -20.86 -1.92 -27.67
CA LEU B 302 -19.74 -1.13 -28.16
C LEU B 302 -20.14 -0.19 -29.30
N ASN B 303 -20.88 -0.73 -30.25
CA ASN B 303 -21.22 0.02 -31.44
C ASN B 303 -22.43 0.91 -31.29
N GLY B 304 -23.21 0.69 -30.23
CA GLY B 304 -24.43 1.49 -29.98
C GLY B 304 -24.33 2.54 -28.90
N LEU B 305 -23.25 2.48 -28.12
CA LEU B 305 -23.14 3.31 -26.93
C LEU B 305 -23.10 4.80 -27.30
N LYS B 306 -23.88 5.61 -26.58
CA LYS B 306 -23.94 7.06 -26.80
C LYS B 306 -22.93 7.84 -25.99
N ALA B 307 -22.55 7.30 -24.84
CA ALA B 307 -21.67 7.99 -23.91
C ALA B 307 -20.34 8.38 -24.54
N ARG B 308 -19.90 9.57 -24.21
CA ARG B 308 -18.53 10.01 -24.51
C ARG B 308 -17.81 10.13 -23.17
N ALA B 309 -16.69 9.41 -23.04
CA ALA B 309 -15.90 9.41 -21.81
C ALA B 309 -15.18 10.74 -21.58
N SER B 310 -15.17 11.17 -20.35
CA SER B 310 -14.42 12.35 -19.97
C SER B 310 -12.96 11.98 -19.78
N ALA B 311 -12.12 13.01 -19.83
CA ALA B 311 -10.70 12.88 -19.53
C ALA B 311 -10.50 12.35 -18.11
N GLU B 312 -11.37 12.77 -17.19
CA GLU B 312 -11.25 12.33 -15.82
C GLU B 312 -11.62 10.83 -15.66
N SER B 313 -12.64 10.33 -16.36
CA SER B 313 -12.88 8.87 -16.36
C SER B 313 -11.69 8.13 -16.87
N VAL B 314 -11.06 8.62 -17.93
CA VAL B 314 -9.90 7.96 -18.48
C VAL B 314 -8.75 7.92 -17.46
N ARG B 315 -8.51 9.02 -16.77
CA ARG B 315 -7.53 9.06 -15.70
C ARG B 315 -7.84 8.03 -14.64
N ARG B 316 -9.08 7.95 -14.22
CA ARG B 316 -9.46 7.02 -13.17
C ARG B 316 -9.25 5.59 -13.61
N ILE B 317 -9.58 5.28 -14.87
CA ILE B 317 -9.39 3.90 -15.39
C ILE B 317 -7.91 3.58 -15.45
N LYS B 318 -7.10 4.51 -15.94
CA LYS B 318 -5.66 4.28 -16.04
C LYS B 318 -5.03 4.03 -14.68
N ARG B 319 -5.57 4.64 -13.63
CA ARG B 319 -5.01 4.48 -12.29
C ARG B 319 -5.32 3.11 -11.68
N MET B 320 -6.12 2.31 -12.35
CA MET B 320 -6.44 0.95 -11.90
C MET B 320 -5.41 -0.07 -12.42
N ARG B 321 -4.56 0.33 -13.36
CA ARG B 321 -3.51 -0.58 -13.86
C ARG B 321 -2.51 -0.89 -12.75
N ALA B 322 -1.96 -2.10 -12.72
CA ALA B 322 -0.97 -2.44 -11.70
C ALA B 322 0.27 -1.60 -11.85
N ARG B 323 0.94 -1.38 -10.74
CA ARG B 323 2.11 -0.49 -10.69
C ARG B 323 3.39 -1.23 -10.46
N GLY B 324 4.43 -0.79 -11.13
CA GLY B 324 5.74 -1.30 -10.85
C GLY B 324 5.99 -2.67 -11.45
N LYS B 325 7.15 -3.22 -11.12
CA LYS B 325 7.63 -4.45 -11.68
C LYS B 325 6.96 -5.56 -10.91
N ALA B 326 6.66 -6.67 -11.56
CA ALA B 326 6.20 -7.84 -10.82
C ALA B 326 7.16 -9.00 -10.97
N LEU B 327 7.28 -9.81 -9.93
CA LEU B 327 8.09 -11.04 -9.98
C LEU B 327 7.38 -12.11 -10.81
N LYS B 328 8.17 -12.79 -11.63
CA LYS B 328 7.72 -13.99 -12.32
C LYS B 328 7.48 -15.09 -11.29
N TRP B 329 6.60 -16.03 -11.63
CA TRP B 329 6.21 -17.08 -10.72
C TRP B 329 7.35 -17.77 -10.01
N ASP B 330 8.40 -18.17 -10.73
CA ASP B 330 9.45 -18.98 -10.11
C ASP B 330 10.23 -18.17 -9.09
N LYS B 331 10.31 -16.86 -9.31
CA LYS B 331 10.99 -15.95 -8.36
C LYS B 331 10.08 -15.69 -7.15
N LEU B 332 8.80 -15.46 -7.44
CA LEU B 332 7.82 -15.22 -6.38
C LEU B 332 7.79 -16.33 -5.32
N ILE B 333 7.76 -17.58 -5.79
CA ILE B 333 7.54 -18.67 -4.85
C ILE B 333 8.77 -18.96 -3.97
N ALA B 334 9.91 -18.35 -4.31
CA ALA B 334 11.13 -18.43 -3.48
C ALA B 334 11.38 -17.15 -2.68
N GLN B 335 10.51 -16.15 -2.81
CA GLN B 335 10.67 -14.87 -2.13
C GLN B 335 10.40 -15.02 -0.64
N PRO B 336 11.31 -14.53 0.23
CA PRO B 336 11.06 -14.69 1.67
C PRO B 336 9.73 -14.13 2.16
N GLU B 337 9.32 -12.98 1.66
CA GLU B 337 8.08 -12.36 2.11
C GLU B 337 6.86 -13.18 1.70
N TYR B 338 6.84 -13.68 0.47
CA TYR B 338 5.76 -14.58 0.03
C TYR B 338 5.74 -15.85 0.87
N LEU B 339 6.92 -16.40 1.19
CA LEU B 339 6.99 -17.58 2.02
C LEU B 339 6.48 -17.32 3.45
N GLN B 340 6.81 -16.17 4.00
CA GLN B 340 6.32 -15.76 5.32
C GLN B 340 4.79 -15.64 5.30
N ALA B 341 4.25 -15.03 4.24
CA ALA B 341 2.82 -14.86 4.09
C ALA B 341 2.15 -16.24 4.03
N GLN B 342 2.69 -17.17 3.26
CA GLN B 342 2.11 -18.50 3.17
C GLN B 342 2.12 -19.19 4.54
N ALA B 343 3.25 -19.10 5.24
CA ALA B 343 3.36 -19.75 6.56
C ALA B 343 2.35 -19.19 7.54
N LEU B 344 2.08 -17.89 7.47
CA LEU B 344 1.14 -17.24 8.39
C LEU B 344 -0.29 -17.70 8.09
N LEU B 345 -0.65 -17.78 6.80
CA LEU B 345 -1.97 -18.27 6.42
C LEU B 345 -2.16 -19.65 6.98
N SER B 346 -1.15 -20.49 6.82
CA SER B 346 -1.27 -21.89 7.22
C SER B 346 -1.41 -22.03 8.72
N SER B 347 -0.67 -21.23 9.48
CA SER B 347 -0.72 -21.34 10.92
CA SER B 347 -0.70 -21.30 10.94
C SER B 347 -1.95 -20.63 11.52
N ALA B 348 -2.19 -19.38 11.11
CA ALA B 348 -3.20 -18.55 11.75
C ALA B 348 -4.64 -18.95 11.42
N LEU B 349 -4.87 -19.55 10.24
CA LEU B 349 -6.22 -19.90 9.86
C LEU B 349 -6.58 -21.36 10.09
N ALA B 350 -5.71 -22.07 10.79
CA ALA B 350 -5.93 -23.49 11.03
C ALA B 350 -7.00 -23.68 12.07
#